data_9KWH
#
_entry.id   9KWH
#
_cell.length_a   184.600
_cell.length_b   66.520
_cell.length_c   99.500
_cell.angle_alpha   90.000
_cell.angle_beta   101.650
_cell.angle_gamma   90.000
#
_symmetry.space_group_name_H-M   'C 1 2 1'
#
loop_
_entity.id
_entity.type
_entity.pdbx_description
1 polymer 'Tryptophan--tRNA ligase'
2 non-polymer '(5~{S},6~{R})-5-methyl-7-thia-2-azatricyclo[6.3.1.0^{4,12}]dodeca-1(12),3,8,10-tetraene-6-carboxylic acid'
3 water water
#
_entity_poly.entity_id   1
_entity_poly.type   'polypeptide(L)'
_entity_poly.pdbx_seq_one_letter_code
;METLFSGIQPSGIPTIGNYIGALKQFVDVQNDYDCYFCIVDQHAITMPQDRLKLRKQTRQLAAIYLASGIDPDKATLFIQ
SEVPAHVQAGWMLTTIASVGELERMTQYKDKAQKAVEGIPAGLLTYPPLMAADIVLYNTNIVPVGDDQKQHIELTRNLVD
RFNSRYNDVLVKPEIRMPKVGGRVMSLQDPTRKMSKSDDNAKNFISLLDEPNVAAKKIKSAVTDSDGIIKFDRDNKPGIT
NLISIYAGLTDMPIKDIEAKYEGEGYGKFKGDLAEIVKAFLVEFQEKYESFYNSDKLDDILDQGRDKAHKVSFKTVKKME
KAMGLGRKRHHHHHH
;
_entity_poly.pdbx_strand_id   A,B,C
#
# COMPACT_ATOMS: atom_id res chain seq x y z
N MET A 1 9.83 -15.13 -34.53
CA MET A 1 10.34 -14.71 -33.23
C MET A 1 9.98 -13.25 -32.99
N GLU A 2 9.46 -12.93 -31.82
CA GLU A 2 9.04 -11.57 -31.51
C GLU A 2 10.20 -10.68 -31.10
N THR A 3 10.15 -9.42 -31.52
CA THR A 3 11.17 -8.43 -31.19
C THR A 3 10.77 -7.63 -29.96
N LEU A 4 11.68 -7.55 -29.00
CA LEU A 4 11.49 -6.81 -27.75
C LEU A 4 12.42 -5.62 -27.72
N PHE A 5 11.92 -4.47 -27.25
CA PHE A 5 12.74 -3.27 -27.12
C PHE A 5 12.60 -2.68 -25.73
N SER A 6 13.73 -2.49 -25.06
CA SER A 6 13.73 -1.90 -23.73
C SER A 6 14.65 -0.68 -23.70
N GLY A 7 14.09 0.48 -23.39
CA GLY A 7 14.89 1.67 -23.12
C GLY A 7 15.47 1.63 -21.70
N ILE A 8 16.70 2.12 -21.58
CA ILE A 8 17.44 2.13 -20.32
C ILE A 8 17.94 3.54 -20.04
N GLN A 9 17.48 4.13 -18.95
CA GLN A 9 17.93 5.47 -18.57
C GLN A 9 19.29 5.42 -17.89
N PRO A 10 20.33 6.11 -18.43
CA PRO A 10 21.62 6.24 -17.71
C PRO A 10 21.55 7.31 -16.65
N SER A 11 20.75 7.07 -15.63
CA SER A 11 20.45 8.10 -14.65
C SER A 11 20.57 7.59 -13.22
N GLY A 12 21.15 6.42 -13.04
CA GLY A 12 21.21 5.84 -11.73
C GLY A 12 21.52 4.37 -11.81
N ILE A 13 22.03 3.86 -10.72
CA ILE A 13 22.39 2.44 -10.65
C ILE A 13 21.14 1.63 -10.34
N PRO A 14 20.85 0.57 -11.10
CA PRO A 14 19.77 -0.34 -10.73
C PRO A 14 19.99 -0.96 -9.37
N THR A 15 18.88 -1.24 -8.68
CA THR A 15 18.91 -1.95 -7.42
C THR A 15 18.66 -3.44 -7.61
N ILE A 16 18.88 -4.18 -6.53
CA ILE A 16 18.55 -5.59 -6.53
C ILE A 16 17.08 -5.85 -6.79
N GLY A 17 16.21 -4.89 -6.48
CA GLY A 17 14.82 -5.00 -6.92
C GLY A 17 14.72 -5.01 -8.45
N ASN A 18 15.47 -4.15 -9.11
CA ASN A 18 15.45 -4.10 -10.57
C ASN A 18 16.06 -5.36 -11.15
N TYR A 19 16.96 -5.99 -10.42
CA TYR A 19 17.61 -7.21 -10.94
C TYR A 19 16.60 -8.34 -10.89
N ILE A 20 15.94 -8.50 -9.76
CA ILE A 20 14.97 -9.59 -9.60
C ILE A 20 13.74 -9.33 -10.47
N GLY A 21 13.34 -8.06 -10.58
CA GLY A 21 12.12 -7.75 -11.30
C GLY A 21 12.26 -7.81 -12.81
N ALA A 22 13.41 -7.39 -13.33
CA ALA A 22 13.60 -7.31 -14.77
C ALA A 22 14.86 -7.99 -15.30
N LEU A 23 16.03 -7.56 -14.82
CA LEU A 23 17.29 -7.93 -15.47
C LEU A 23 17.46 -9.44 -15.53
N LYS A 24 17.23 -10.11 -14.41
CA LYS A 24 17.37 -11.56 -14.37
C LYS A 24 16.44 -12.21 -15.37
N GLN A 25 15.23 -11.68 -15.51
CA GLN A 25 14.27 -12.18 -16.49
C GLN A 25 14.75 -11.97 -17.92
N PHE A 26 15.33 -10.78 -18.22
CA PHE A 26 15.87 -10.52 -19.55
C PHE A 26 16.95 -11.53 -19.92
N VAL A 27 17.74 -11.97 -18.94
CA VAL A 27 18.82 -12.92 -19.21
C VAL A 27 18.25 -14.24 -19.71
N ASP A 28 17.05 -14.61 -19.27
CA ASP A 28 16.37 -15.76 -19.85
C ASP A 28 15.69 -15.42 -21.18
N VAL A 29 14.91 -14.33 -21.21
CA VAL A 29 14.02 -14.12 -22.35
C VAL A 29 14.78 -13.77 -23.62
N GLN A 30 16.06 -13.45 -23.53
CA GLN A 30 16.84 -13.12 -24.72
C GLN A 30 17.09 -14.32 -25.60
N ASN A 31 16.83 -15.54 -25.10
CA ASN A 31 16.93 -16.72 -25.96
C ASN A 31 15.69 -16.90 -26.81
N ASP A 32 14.55 -16.39 -26.37
CA ASP A 32 13.26 -16.67 -27.01
C ASP A 32 12.67 -15.46 -27.69
N TYR A 33 13.33 -14.31 -27.62
CA TYR A 33 12.87 -13.07 -28.21
C TYR A 33 14.07 -12.32 -28.78
N ASP A 34 13.83 -11.56 -29.87
CA ASP A 34 14.88 -10.69 -30.46
C ASP A 34 14.90 -9.44 -29.59
N CYS A 35 15.95 -9.29 -28.81
CA CYS A 35 15.95 -8.25 -27.78
C CYS A 35 16.89 -7.09 -28.11
N TYR A 36 16.37 -5.89 -27.91
CA TYR A 36 17.15 -4.65 -27.99
C TYR A 36 17.17 -3.97 -26.64
N PHE A 37 18.37 -3.66 -26.16
CA PHE A 37 18.57 -2.92 -24.92
C PHE A 37 19.32 -1.64 -25.23
N CYS A 38 18.64 -0.51 -25.11
CA CYS A 38 19.12 0.75 -25.64
C CYS A 38 19.31 1.73 -24.49
N ILE A 39 20.52 2.24 -24.35
CA ILE A 39 20.84 3.19 -23.29
C ILE A 39 20.51 4.57 -23.84
N VAL A 40 19.46 5.19 -23.32
CA VAL A 40 18.81 6.32 -24.00
C VAL A 40 19.45 7.59 -23.47
N ASP A 41 20.65 7.89 -23.95
CA ASP A 41 21.34 9.08 -23.45
C ASP A 41 20.76 10.36 -24.04
N GLN A 42 20.16 10.28 -25.22
CA GLN A 42 19.47 11.44 -25.76
C GLN A 42 18.19 11.74 -24.97
N HIS A 43 17.57 10.73 -24.34
CA HIS A 43 16.49 11.02 -23.40
C HIS A 43 17.00 11.57 -22.09
N ALA A 44 18.18 11.15 -21.65
CA ALA A 44 18.68 11.63 -20.36
C ALA A 44 18.90 13.15 -20.38
N ILE A 45 19.29 13.73 -21.52
CA ILE A 45 19.56 15.16 -21.54
C ILE A 45 18.30 16.00 -21.66
N THR A 46 17.10 15.38 -21.72
CA THR A 46 15.90 16.22 -21.64
C THR A 46 15.81 16.93 -20.30
N MET A 47 16.51 16.39 -19.30
CA MET A 47 16.64 16.84 -17.94
C MET A 47 18.05 17.38 -17.77
N PRO A 48 18.31 18.17 -16.72
CA PRO A 48 19.65 18.73 -16.55
C PRO A 48 20.66 17.66 -16.11
N GLN A 49 21.83 17.67 -16.72
CA GLN A 49 22.82 16.64 -16.42
C GLN A 49 24.20 17.25 -16.35
N ASP A 50 25.00 16.80 -15.37
CA ASP A 50 26.45 16.95 -15.47
C ASP A 50 26.99 16.04 -16.55
N ARG A 51 27.84 16.59 -17.42
CA ARG A 51 28.26 15.82 -18.58
C ARG A 51 29.22 14.69 -18.23
N LEU A 52 29.99 14.81 -17.15
CA LEU A 52 30.81 13.66 -16.77
C LEU A 52 29.98 12.59 -16.05
N LYS A 53 29.08 13.02 -15.18
CA LYS A 53 28.13 12.12 -14.54
C LYS A 53 27.37 11.30 -15.58
N LEU A 54 26.95 11.94 -16.67
CA LEU A 54 26.15 11.25 -17.66
C LEU A 54 26.97 10.23 -18.44
N ARG A 55 28.16 10.63 -18.89
CA ARG A 55 28.99 9.73 -19.70
C ARG A 55 29.49 8.54 -18.88
N LYS A 56 29.75 8.74 -17.59
CA LYS A 56 30.16 7.66 -16.71
C LYS A 56 29.00 6.71 -16.44
N GLN A 57 27.83 7.25 -16.15
CA GLN A 57 26.67 6.41 -15.90
C GLN A 57 26.34 5.53 -17.10
N THR A 58 26.57 6.05 -18.30
CA THR A 58 26.29 5.27 -19.51
C THR A 58 27.18 4.03 -19.58
N ARG A 59 28.49 4.19 -19.33
CA ARG A 59 29.35 3.02 -19.25
C ARG A 59 28.91 2.09 -18.13
N GLN A 60 28.58 2.67 -16.98
CA GLN A 60 28.20 1.86 -15.82
C GLN A 60 27.00 0.98 -16.15
N LEU A 61 25.98 1.55 -16.78
CA LEU A 61 24.80 0.79 -17.14
C LEU A 61 25.17 -0.35 -18.09
N ALA A 62 25.97 -0.06 -19.11
CA ALA A 62 26.35 -1.12 -20.03
C ALA A 62 27.09 -2.22 -19.31
N ALA A 63 28.01 -1.87 -18.40
CA ALA A 63 28.73 -2.88 -17.64
C ALA A 63 27.80 -3.68 -16.73
N ILE A 64 26.76 -3.05 -16.19
CA ILE A 64 25.83 -3.76 -15.31
C ILE A 64 24.96 -4.73 -16.10
N TYR A 65 24.51 -4.32 -17.28
CA TYR A 65 23.70 -5.23 -18.09
C TYR A 65 24.52 -6.43 -18.52
N LEU A 66 25.77 -6.20 -18.91
CA LEU A 66 26.65 -7.30 -19.27
C LEU A 66 26.96 -8.18 -18.07
N ALA A 67 27.20 -7.57 -16.91
CA ALA A 67 27.47 -8.36 -15.73
C ALA A 67 26.28 -9.24 -15.35
N SER A 68 25.05 -8.77 -15.62
CA SER A 68 23.87 -9.55 -15.29
C SER A 68 23.73 -10.79 -16.16
N GLY A 69 24.40 -10.83 -17.30
CA GLY A 69 24.25 -11.91 -18.24
C GLY A 69 23.61 -11.52 -19.55
N ILE A 70 23.27 -10.25 -19.74
CA ILE A 70 22.82 -9.82 -21.04
C ILE A 70 23.95 -10.08 -22.02
N ASP A 71 23.62 -10.77 -23.11
CA ASP A 71 24.62 -11.36 -23.99
C ASP A 71 24.66 -10.60 -25.28
N PRO A 72 25.80 -9.97 -25.60
CA PRO A 72 25.87 -9.11 -26.80
C PRO A 72 25.68 -9.83 -28.12
N ASP A 73 25.73 -11.16 -28.15
CA ASP A 73 25.42 -11.87 -29.39
C ASP A 73 23.94 -12.23 -29.47
N LYS A 74 23.35 -12.64 -28.35
CA LYS A 74 21.95 -13.01 -28.35
C LYS A 74 21.05 -11.79 -28.47
N ALA A 75 21.44 -10.69 -27.83
CA ALA A 75 20.70 -9.44 -27.80
C ALA A 75 21.55 -8.31 -28.38
N THR A 76 20.95 -7.13 -28.48
CA THR A 76 21.60 -5.96 -29.03
C THR A 76 21.64 -4.91 -27.93
N LEU A 77 22.81 -4.70 -27.38
CA LEU A 77 23.02 -3.70 -26.35
C LEU A 77 23.78 -2.54 -26.97
N PHE A 78 23.18 -1.35 -26.98
CA PHE A 78 23.84 -0.19 -27.59
C PHE A 78 23.42 1.10 -26.91
N ILE A 79 24.07 2.18 -27.37
CA ILE A 79 23.88 3.53 -26.89
C ILE A 79 23.10 4.32 -27.93
N GLN A 80 21.99 4.90 -27.50
CA GLN A 80 21.05 5.56 -28.38
C GLN A 80 21.70 6.60 -29.30
N SER A 81 22.52 7.50 -28.72
CA SER A 81 23.11 8.59 -29.51
C SER A 81 24.06 8.13 -30.60
N GLU A 82 24.54 6.87 -30.55
CA GLU A 82 25.44 6.31 -31.55
C GLU A 82 24.73 5.78 -32.78
N VAL A 83 23.41 5.82 -32.79
CA VAL A 83 22.61 5.32 -33.90
C VAL A 83 21.74 6.48 -34.36
N PRO A 84 22.08 7.13 -35.47
CA PRO A 84 21.41 8.40 -35.82
C PRO A 84 19.96 8.24 -36.22
N ALA A 85 19.56 7.02 -36.58
CA ALA A 85 18.18 6.76 -37.01
C ALA A 85 17.20 7.15 -35.93
N HIS A 86 17.61 7.09 -34.67
CA HIS A 86 16.72 7.48 -33.58
C HIS A 86 16.26 8.93 -33.70
N VAL A 87 17.19 9.88 -33.89
CA VAL A 87 16.69 11.26 -33.98
C VAL A 87 16.15 11.53 -35.39
N GLN A 88 16.60 10.81 -36.41
CA GLN A 88 15.98 10.98 -37.72
C GLN A 88 14.52 10.52 -37.72
N ALA A 89 14.24 9.34 -37.17
CA ALA A 89 12.84 8.90 -37.16
C ALA A 89 12.03 9.69 -36.15
N GLY A 90 12.68 10.19 -35.09
CA GLY A 90 11.99 11.00 -34.11
C GLY A 90 11.54 12.33 -34.68
N TRP A 91 12.31 12.91 -35.58
CA TRP A 91 11.88 14.15 -36.20
C TRP A 91 10.71 13.89 -37.13
N MET A 92 10.77 12.81 -37.90
CA MET A 92 9.67 12.50 -38.79
C MET A 92 8.36 12.30 -38.02
N LEU A 93 8.43 11.58 -36.91
CA LEU A 93 7.18 11.35 -36.18
C LEU A 93 6.73 12.62 -35.49
N THR A 94 7.68 13.52 -35.16
CA THR A 94 7.31 14.79 -34.54
C THR A 94 6.43 15.61 -35.47
N THR A 95 6.70 15.57 -36.78
CA THR A 95 5.96 16.44 -37.69
C THR A 95 4.52 15.98 -37.86
N ILE A 96 4.19 14.76 -37.47
CA ILE A 96 2.81 14.30 -37.57
C ILE A 96 2.11 14.27 -36.22
N ALA A 97 2.84 14.38 -35.11
CA ALA A 97 2.23 14.60 -33.83
C ALA A 97 1.54 15.97 -33.80
N SER A 98 0.72 16.19 -32.78
CA SER A 98 0.11 17.50 -32.57
C SER A 98 0.63 18.08 -31.26
N VAL A 99 0.61 19.41 -31.17
CA VAL A 99 1.04 20.08 -29.95
C VAL A 99 0.15 19.67 -28.78
N GLY A 100 -1.17 19.67 -29.01
CA GLY A 100 -2.10 19.19 -27.98
C GLY A 100 -1.72 17.81 -27.47
N GLU A 101 -1.41 16.90 -28.38
CA GLU A 101 -1.05 15.55 -27.97
C GLU A 101 0.19 15.57 -27.09
N LEU A 102 1.22 16.30 -27.51
CA LEU A 102 2.45 16.31 -26.73
C LEU A 102 2.23 16.95 -25.38
N GLU A 103 1.43 18.03 -25.35
CA GLU A 103 1.10 18.69 -24.09
C GLU A 103 0.44 17.72 -23.11
N ARG A 104 -0.57 16.97 -23.58
CA ARG A 104 -1.26 16.04 -22.68
C ARG A 104 -0.32 14.99 -22.11
N MET A 105 0.75 14.63 -22.85
CA MET A 105 1.74 13.73 -22.29
C MET A 105 2.40 14.33 -21.05
N THR A 106 2.74 15.63 -21.11
CA THR A 106 3.40 16.32 -20.01
C THR A 106 2.54 16.34 -18.75
N GLN A 107 1.23 16.08 -18.89
CA GLN A 107 0.28 16.14 -17.77
C GLN A 107 0.12 14.77 -17.10
N TYR A 108 -0.27 13.75 -17.85
CA TYR A 108 -0.40 12.41 -17.32
C TYR A 108 0.92 11.97 -16.68
N GLU A 117 14.46 29.62 -15.58
CA GLU A 117 14.75 29.77 -17.00
C GLU A 117 13.52 29.47 -17.88
N GLY A 118 12.64 28.60 -17.40
CA GLY A 118 11.53 28.08 -18.18
C GLY A 118 11.58 26.57 -18.25
N ILE A 119 10.61 26.01 -18.98
CA ILE A 119 10.41 24.56 -19.01
C ILE A 119 11.16 23.99 -20.22
N PRO A 120 12.15 23.13 -20.02
CA PRO A 120 12.98 22.70 -21.15
C PRO A 120 12.14 22.05 -22.22
N ALA A 121 12.40 22.43 -23.47
CA ALA A 121 11.62 21.90 -24.57
C ALA A 121 11.78 20.39 -24.71
N GLY A 122 12.89 19.83 -24.21
CA GLY A 122 13.02 18.39 -24.28
C GLY A 122 11.87 17.68 -23.57
N LEU A 123 11.34 18.28 -22.50
CA LEU A 123 10.30 17.64 -21.71
C LEU A 123 8.98 17.59 -22.45
N LEU A 124 8.82 18.44 -23.45
CA LEU A 124 7.59 18.38 -24.24
C LEU A 124 7.73 17.46 -25.44
N THR A 125 8.92 17.42 -26.04
CA THR A 125 9.08 16.88 -27.38
C THR A 125 9.72 15.50 -27.40
N TYR A 126 10.11 14.93 -26.26
CA TYR A 126 10.69 13.59 -26.22
C TYR A 126 9.78 12.42 -26.62
N PRO A 127 8.44 12.48 -26.46
CA PRO A 127 7.62 11.26 -26.73
C PRO A 127 7.79 10.74 -28.16
N PRO A 128 7.77 11.59 -29.18
CA PRO A 128 7.99 11.05 -30.53
C PRO A 128 9.35 10.39 -30.66
N LEU A 129 10.34 10.85 -29.90
CA LEU A 129 11.64 10.18 -29.94
C LEU A 129 11.55 8.81 -29.27
N MET A 130 10.73 8.69 -28.23
CA MET A 130 10.49 7.39 -27.64
C MET A 130 9.78 6.47 -28.62
N ALA A 131 8.72 6.97 -29.28
CA ALA A 131 8.06 6.22 -30.33
C ALA A 131 9.08 5.72 -31.36
N ALA A 132 9.95 6.63 -31.83
CA ALA A 132 10.98 6.25 -32.80
C ALA A 132 11.88 5.17 -32.25
N ASP A 133 12.32 5.30 -30.99
CA ASP A 133 13.22 4.31 -30.41
C ASP A 133 12.63 2.92 -30.59
N ILE A 134 11.30 2.81 -30.44
CA ILE A 134 10.64 1.51 -30.49
C ILE A 134 10.45 1.05 -31.93
N VAL A 135 9.75 1.84 -32.75
CA VAL A 135 9.32 1.31 -34.04
C VAL A 135 10.47 1.11 -35.02
N LEU A 136 11.64 1.73 -34.79
CA LEU A 136 12.76 1.56 -35.73
C LEU A 136 13.14 0.09 -35.90
N TYR A 137 12.84 -0.74 -34.90
CA TYR A 137 13.25 -2.14 -34.94
C TYR A 137 12.06 -3.07 -35.14
N ASN A 138 10.94 -2.55 -35.64
CA ASN A 138 9.75 -3.36 -35.84
C ASN A 138 9.36 -4.07 -34.56
N THR A 139 9.42 -3.34 -33.45
CA THR A 139 9.23 -3.95 -32.15
C THR A 139 7.83 -4.54 -31.99
N ASN A 140 7.76 -5.74 -31.41
CA ASN A 140 6.42 -6.22 -31.09
C ASN A 140 6.07 -5.93 -29.65
N ILE A 141 7.01 -6.05 -28.70
CA ILE A 141 6.67 -5.86 -27.30
C ILE A 141 7.65 -4.93 -26.60
N VAL A 142 7.10 -4.17 -25.65
CA VAL A 142 7.86 -3.29 -24.77
C VAL A 142 7.54 -3.64 -23.33
N PRO A 143 8.55 -3.96 -22.54
CA PRO A 143 8.35 -4.40 -21.16
C PRO A 143 8.29 -3.24 -20.17
N VAL A 144 7.24 -2.43 -20.23
CA VAL A 144 7.13 -1.26 -19.37
C VAL A 144 5.94 -1.43 -18.41
N GLY A 145 5.82 -0.46 -17.50
CA GLY A 145 4.79 -0.44 -16.48
C GLY A 145 3.72 0.62 -16.74
N ASP A 146 2.77 0.67 -15.79
CA ASP A 146 1.57 1.50 -15.93
C ASP A 146 1.94 2.93 -16.29
N ASP A 147 3.03 3.45 -15.72
CA ASP A 147 3.38 4.83 -15.96
C ASP A 147 3.71 5.12 -17.42
N GLN A 148 3.95 4.09 -18.24
CA GLN A 148 4.35 4.30 -19.63
C GLN A 148 3.21 4.06 -20.61
N LYS A 149 1.99 3.88 -20.12
CA LYS A 149 0.83 3.54 -20.96
C LYS A 149 0.54 4.63 -22.00
N GLN A 150 0.46 5.87 -21.56
CA GLN A 150 0.16 6.96 -22.49
C GLN A 150 1.26 7.10 -23.53
N HIS A 151 2.50 6.75 -23.19
CA HIS A 151 3.59 6.79 -24.17
C HIS A 151 3.38 5.76 -25.27
N ILE A 152 2.95 4.54 -24.91
CA ILE A 152 2.71 3.51 -25.92
C ILE A 152 1.45 3.82 -26.70
N GLU A 153 0.42 4.34 -26.04
CA GLU A 153 -0.74 4.81 -26.79
C GLU A 153 -0.32 5.84 -27.85
N LEU A 154 0.52 6.81 -27.49
CA LEU A 154 0.98 7.76 -28.49
C LEU A 154 1.75 7.05 -29.59
N THR A 155 2.65 6.13 -29.21
CA THR A 155 3.38 5.36 -30.21
C THR A 155 2.46 4.65 -31.21
N ARG A 156 1.49 3.89 -30.71
CA ARG A 156 0.59 3.15 -31.59
C ARG A 156 -0.23 4.12 -32.44
N ASN A 157 -0.62 5.24 -31.85
CA ASN A 157 -1.39 6.20 -32.63
C ASN A 157 -0.52 6.83 -33.71
N LEU A 158 0.78 7.00 -33.44
CA LEU A 158 1.62 7.58 -34.48
C LEU A 158 1.89 6.56 -35.57
N VAL A 159 1.98 5.28 -35.21
CA VAL A 159 2.18 4.27 -36.23
C VAL A 159 0.98 4.21 -37.14
N ASP A 160 -0.22 4.27 -36.56
CA ASP A 160 -1.44 4.37 -37.33
C ASP A 160 -1.45 5.60 -38.22
N ARG A 161 -1.15 6.77 -37.65
CA ARG A 161 -1.15 8.00 -38.44
C ARG A 161 -0.14 7.92 -39.60
N PHE A 162 1.04 7.36 -39.34
CA PHE A 162 2.03 7.26 -40.40
C PHE A 162 1.56 6.32 -41.50
N ASN A 163 1.26 5.07 -41.14
CA ASN A 163 0.85 4.09 -42.14
C ASN A 163 -0.39 4.55 -42.90
N SER A 164 -1.27 5.27 -42.23
CA SER A 164 -2.48 5.76 -42.89
C SER A 164 -2.18 6.90 -43.86
N ARG A 165 -1.31 7.82 -43.50
CA ARG A 165 -1.09 9.02 -44.35
C ARG A 165 -0.07 8.73 -45.47
N TYR A 166 0.96 7.93 -45.20
CA TYR A 166 1.88 7.68 -46.30
C TYR A 166 1.71 6.27 -46.87
N ASN A 167 2.15 5.25 -46.14
CA ASN A 167 1.90 3.87 -46.55
C ASN A 167 2.47 2.96 -45.48
N ASP A 168 2.03 1.72 -45.48
CA ASP A 168 2.38 0.80 -44.37
C ASP A 168 3.86 0.49 -44.26
N VAL A 169 4.57 1.15 -43.34
CA VAL A 169 5.92 0.69 -43.04
C VAL A 169 6.11 0.32 -41.58
N LEU A 170 5.31 0.85 -40.66
CA LEU A 170 5.61 0.75 -39.24
C LEU A 170 4.68 -0.24 -38.53
N VAL A 171 5.21 -0.85 -37.48
CA VAL A 171 4.56 -1.91 -36.73
C VAL A 171 4.12 -1.36 -35.38
N LYS A 172 2.89 -1.71 -34.97
CA LYS A 172 2.38 -1.28 -33.66
C LYS A 172 2.92 -2.19 -32.56
N PRO A 173 3.50 -1.63 -31.50
CA PRO A 173 3.96 -2.45 -30.37
C PRO A 173 2.91 -2.57 -29.27
N GLU A 174 3.12 -3.58 -28.39
CA GLU A 174 2.29 -3.86 -27.24
C GLU A 174 3.14 -3.78 -25.97
N ILE A 175 2.50 -3.47 -24.85
CA ILE A 175 3.18 -3.54 -23.56
C ILE A 175 3.14 -4.99 -23.09
N ARG A 176 4.31 -5.63 -23.02
CA ARG A 176 4.37 -7.03 -22.56
C ARG A 176 5.74 -7.39 -22.00
N MET A 177 5.79 -7.81 -20.73
CA MET A 177 7.01 -8.33 -20.15
C MET A 177 6.92 -9.84 -20.18
N PRO A 178 7.72 -10.56 -20.97
CA PRO A 178 7.44 -11.99 -21.20
C PRO A 178 7.52 -12.88 -19.97
N LYS A 179 8.40 -12.61 -19.02
CA LYS A 179 8.40 -13.37 -17.77
C LYS A 179 8.58 -12.37 -16.64
N VAL A 180 7.47 -11.97 -16.03
CA VAL A 180 7.54 -10.99 -14.96
C VAL A 180 8.27 -11.60 -13.78
N GLY A 181 9.24 -10.86 -13.23
CA GLY A 181 9.92 -11.27 -12.02
C GLY A 181 9.12 -10.92 -10.77
N GLY A 182 9.68 -11.29 -9.62
CA GLY A 182 9.04 -10.90 -8.36
C GLY A 182 9.10 -9.40 -8.12
N ARG A 183 8.17 -8.92 -7.29
CA ARG A 183 8.14 -7.51 -6.92
C ARG A 183 8.91 -7.37 -5.62
N VAL A 184 9.87 -6.46 -5.60
CA VAL A 184 10.74 -6.24 -4.44
C VAL A 184 10.39 -4.87 -3.87
N MET A 185 10.17 -4.82 -2.57
CA MET A 185 9.71 -3.63 -1.87
C MET A 185 10.86 -2.97 -1.09
N SER A 186 10.65 -1.71 -0.70
CA SER A 186 11.61 -1.01 0.15
C SER A 186 11.83 -1.74 1.47
N LEU A 187 13.09 -1.85 1.88
CA LEU A 187 13.41 -2.68 3.04
C LEU A 187 12.85 -2.12 4.35
N GLN A 188 12.59 -0.81 4.40
CA GLN A 188 12.13 -0.16 5.62
C GLN A 188 10.83 0.60 5.38
N ASP A 189 10.07 0.18 4.36
CA ASP A 189 8.73 0.64 3.99
C ASP A 189 8.11 -0.41 3.06
N PRO A 190 7.74 -1.58 3.58
CA PRO A 190 7.44 -2.72 2.68
C PRO A 190 6.22 -2.51 1.79
N THR A 191 5.48 -1.42 1.95
CA THR A 191 4.34 -1.15 1.09
C THR A 191 4.68 -0.36 -0.16
N ARG A 192 5.88 0.20 -0.24
CA ARG A 192 6.34 0.91 -1.43
C ARG A 192 7.33 0.03 -2.20
N LYS A 193 7.32 0.18 -3.52
CA LYS A 193 8.33 -0.46 -4.35
C LYS A 193 9.72 0.08 -4.02
N MET A 194 10.72 -0.80 -4.10
CA MET A 194 12.11 -0.39 -3.92
C MET A 194 12.51 0.54 -5.06
N SER A 195 13.24 1.60 -4.73
CA SER A 195 13.64 2.61 -5.71
C SER A 195 15.10 2.98 -5.56
N LYS A 196 15.81 3.13 -6.69
CA LYS A 196 17.22 3.53 -6.62
C LYS A 196 17.43 4.92 -6.03
N SER A 197 16.41 5.76 -5.99
CA SER A 197 16.59 7.17 -5.61
C SER A 197 15.94 7.51 -4.28
N ASP A 198 15.80 6.53 -3.38
CA ASP A 198 15.21 6.81 -2.04
C ASP A 198 16.12 7.71 -1.20
N ASP A 199 15.53 8.56 -0.36
CA ASP A 199 16.33 9.42 0.56
C ASP A 199 16.77 8.55 1.74
N ASN A 200 16.05 7.45 1.98
CA ASN A 200 16.51 6.49 3.01
C ASN A 200 17.30 5.41 2.28
N ALA A 201 18.62 5.50 2.35
CA ALA A 201 19.44 4.54 1.64
C ALA A 201 19.32 3.13 2.18
N LYS A 202 18.87 2.95 3.43
CA LYS A 202 18.57 1.60 3.90
C LYS A 202 17.36 0.99 3.21
N ASN A 203 16.59 1.78 2.46
CA ASN A 203 15.41 1.24 1.80
C ASN A 203 15.76 0.34 0.62
N PHE A 204 16.86 0.63 -0.09
CA PHE A 204 17.22 -0.16 -1.26
C PHE A 204 18.57 -0.81 -1.05
N ILE A 205 18.87 -1.76 -1.91
CA ILE A 205 20.19 -2.36 -2.01
C ILE A 205 20.61 -2.20 -3.46
N SER A 206 21.53 -1.26 -3.70
CA SER A 206 22.05 -1.02 -5.03
C SER A 206 22.91 -2.20 -5.51
N LEU A 207 22.88 -2.44 -6.82
CA LEU A 207 23.76 -3.48 -7.36
C LEU A 207 25.24 -3.15 -7.13
N LEU A 208 25.57 -1.88 -6.96
CA LEU A 208 26.94 -1.46 -6.69
C LEU A 208 27.16 -1.09 -5.22
N ASP A 209 26.23 -1.44 -4.33
CA ASP A 209 26.50 -1.23 -2.92
C ASP A 209 27.67 -2.11 -2.51
N GLU A 210 28.42 -1.69 -1.51
CA GLU A 210 29.42 -2.59 -0.96
C GLU A 210 28.75 -3.85 -0.39
N PRO A 211 29.27 -5.04 -0.69
CA PRO A 211 28.57 -6.27 -0.26
C PRO A 211 28.34 -6.33 1.23
N ASN A 212 29.25 -5.78 2.03
CA ASN A 212 29.02 -5.76 3.47
C ASN A 212 27.98 -4.73 3.87
N VAL A 213 27.88 -3.63 3.15
CA VAL A 213 26.80 -2.67 3.39
C VAL A 213 25.45 -3.33 3.10
N ALA A 214 25.37 -4.06 1.99
CA ALA A 214 24.11 -4.71 1.62
C ALA A 214 23.69 -5.73 2.67
N ALA A 215 24.64 -6.52 3.18
CA ALA A 215 24.32 -7.47 4.23
C ALA A 215 23.72 -6.77 5.43
N LYS A 216 24.22 -5.56 5.75
CA LYS A 216 23.67 -4.80 6.86
C LYS A 216 22.25 -4.34 6.57
N LYS A 217 21.97 -3.99 5.30
CA LYS A 217 20.64 -3.54 4.96
C LYS A 217 19.61 -4.66 5.08
N ILE A 218 20.03 -5.90 4.83
CA ILE A 218 19.14 -7.02 5.07
C ILE A 218 18.81 -7.11 6.56
N LYS A 219 19.82 -6.96 7.42
CA LYS A 219 19.60 -7.04 8.87
C LYS A 219 18.73 -5.89 9.37
N SER A 220 18.90 -4.68 8.83
CA SER A 220 18.13 -3.52 9.25
C SER A 220 16.76 -3.43 8.59
N ALA A 221 16.39 -4.37 7.73
CA ALA A 221 15.06 -4.34 7.11
C ALA A 221 13.99 -4.50 8.19
N VAL A 222 12.90 -3.76 8.04
CA VAL A 222 11.91 -3.59 9.10
C VAL A 222 10.95 -4.77 9.11
N THR A 223 11.00 -5.57 10.18
CA THR A 223 10.16 -6.76 10.33
C THR A 223 9.71 -6.86 11.79
N ASP A 224 8.86 -7.84 12.06
CA ASP A 224 8.63 -8.23 13.43
C ASP A 224 9.92 -8.69 14.07
N SER A 225 9.93 -8.75 15.40
CA SER A 225 11.11 -9.25 16.08
C SER A 225 11.33 -10.73 15.79
N ASP A 226 10.25 -11.50 15.73
CA ASP A 226 10.41 -12.91 15.33
C ASP A 226 9.12 -13.40 14.67
N GLY A 227 9.18 -14.62 14.17
CA GLY A 227 8.04 -15.18 13.47
C GLY A 227 8.48 -16.41 12.70
N ILE A 228 7.52 -16.93 11.96
CA ILE A 228 7.79 -18.13 11.12
C ILE A 228 8.08 -17.64 9.71
N ILE A 229 8.89 -18.39 8.97
CA ILE A 229 9.22 -18.04 7.56
C ILE A 229 8.05 -18.52 6.70
N LYS A 230 7.01 -17.71 6.63
CA LYS A 230 5.83 -18.01 5.84
C LYS A 230 5.53 -16.81 4.97
N PHE A 231 5.04 -17.06 3.76
CA PHE A 231 4.77 -16.00 2.79
C PHE A 231 3.36 -15.47 3.05
N ASP A 232 3.26 -14.21 3.49
CA ASP A 232 1.95 -13.65 3.81
C ASP A 232 2.07 -12.13 3.66
N ARG A 233 1.71 -11.63 2.48
CA ARG A 233 1.97 -10.24 2.14
C ARG A 233 1.08 -9.29 2.91
N ASP A 234 -0.17 -9.68 3.14
CA ASP A 234 -1.13 -8.76 3.74
C ASP A 234 -0.80 -8.48 5.19
N ASN A 235 -0.27 -9.47 5.89
CA ASN A 235 -0.12 -9.38 7.33
C ASN A 235 1.31 -9.29 7.79
N LYS A 236 2.26 -9.79 7.00
CA LYS A 236 3.68 -9.69 7.30
C LYS A 236 4.46 -9.24 6.08
N PRO A 237 4.14 -8.05 5.53
CA PRO A 237 4.85 -7.62 4.30
C PRO A 237 6.35 -7.53 4.48
N GLY A 238 6.84 -7.34 5.70
CA GLY A 238 8.26 -7.25 5.94
C GLY A 238 9.01 -8.55 5.70
N ILE A 239 8.64 -9.61 6.42
CA ILE A 239 9.34 -10.86 6.20
C ILE A 239 9.00 -11.40 4.82
N THR A 240 7.79 -11.16 4.35
CA THR A 240 7.39 -11.66 3.04
C THR A 240 8.27 -11.06 1.95
N ASN A 241 8.49 -9.74 2.02
CA ASN A 241 9.39 -9.08 1.09
C ASN A 241 10.76 -9.74 1.10
N LEU A 242 11.30 -10.00 2.29
CA LEU A 242 12.62 -10.63 2.35
C LEU A 242 12.62 -11.99 1.68
N ILE A 243 11.56 -12.79 1.90
CA ILE A 243 11.45 -14.11 1.29
C ILE A 243 11.45 -13.98 -0.23
N SER A 244 10.81 -12.92 -0.74
CA SER A 244 10.84 -12.63 -2.16
C SER A 244 12.27 -12.41 -2.65
N ILE A 245 13.08 -11.65 -1.91
CA ILE A 245 14.46 -11.42 -2.33
C ILE A 245 15.22 -12.73 -2.31
N TYR A 246 15.07 -13.48 -1.23
CA TYR A 246 15.68 -14.82 -1.13
C TYR A 246 15.33 -15.66 -2.35
N ALA A 247 14.03 -15.78 -2.65
CA ALA A 247 13.60 -16.51 -3.83
C ALA A 247 14.21 -15.92 -5.10
N GLY A 248 14.27 -14.59 -5.20
CA GLY A 248 14.75 -13.96 -6.42
C GLY A 248 16.21 -14.22 -6.70
N LEU A 249 17.04 -14.28 -5.65
CA LEU A 249 18.47 -14.45 -5.86
C LEU A 249 18.91 -15.91 -5.88
N THR A 250 18.08 -16.85 -5.42
CA THR A 250 18.47 -18.24 -5.38
C THR A 250 17.63 -19.14 -6.26
N ASP A 251 16.52 -18.64 -6.80
CA ASP A 251 15.59 -19.39 -7.65
C ASP A 251 14.89 -20.52 -6.90
N MET A 252 15.06 -20.58 -5.59
CA MET A 252 14.33 -21.53 -4.77
C MET A 252 12.84 -21.19 -4.79
N PRO A 253 11.96 -22.15 -5.05
CA PRO A 253 10.52 -21.87 -4.98
C PRO A 253 10.14 -21.45 -3.57
N ILE A 254 9.17 -20.55 -3.46
CA ILE A 254 8.83 -19.95 -2.17
C ILE A 254 8.34 -21.02 -1.19
N LYS A 255 7.42 -21.89 -1.65
CA LYS A 255 6.97 -23.01 -0.83
C LYS A 255 8.16 -23.86 -0.36
N ASP A 256 9.18 -24.00 -1.22
CA ASP A 256 10.37 -24.72 -0.83
C ASP A 256 11.19 -23.94 0.19
N ILE A 257 11.08 -22.61 0.20
CA ILE A 257 11.75 -21.84 1.25
C ILE A 257 11.08 -22.10 2.58
N GLU A 258 9.75 -22.01 2.61
CA GLU A 258 9.02 -22.23 3.85
C GLU A 258 9.41 -23.56 4.48
N ALA A 259 9.56 -24.61 3.65
CA ALA A 259 9.86 -25.94 4.19
C ALA A 259 11.29 -26.03 4.71
N LYS A 260 12.24 -25.32 4.09
CA LYS A 260 13.61 -25.32 4.59
C LYS A 260 13.70 -24.66 5.95
N TYR A 261 12.83 -23.68 6.24
CA TYR A 261 12.92 -22.89 7.46
C TYR A 261 11.78 -23.15 8.41
N GLU A 262 11.02 -24.23 8.18
CA GLU A 262 10.09 -24.74 9.17
C GLU A 262 10.82 -24.99 10.49
N GLY A 263 10.28 -24.45 11.57
CA GLY A 263 10.96 -24.51 12.85
C GLY A 263 12.12 -23.56 13.02
N GLU A 264 12.27 -22.57 12.14
CA GLU A 264 13.32 -21.56 12.29
C GLU A 264 12.71 -20.20 12.53
N GLY A 265 13.48 -19.36 13.25
CA GLY A 265 13.09 -18.00 13.51
C GLY A 265 13.74 -17.02 12.53
N TYR A 266 13.42 -15.74 12.73
CA TYR A 266 13.86 -14.69 11.83
C TYR A 266 15.38 -14.57 11.82
N GLY A 267 16.01 -14.70 12.98
CA GLY A 267 17.44 -14.47 13.05
C GLY A 267 18.21 -15.42 12.15
N LYS A 268 17.82 -16.69 12.14
CA LYS A 268 18.50 -17.64 11.27
C LYS A 268 18.28 -17.28 9.81
N PHE A 269 17.05 -16.90 9.46
CA PHE A 269 16.72 -16.64 8.07
C PHE A 269 17.37 -15.34 7.58
N LYS A 270 17.32 -14.27 8.39
CA LYS A 270 17.97 -13.03 7.97
C LYS A 270 19.48 -13.19 7.90
N GLY A 271 20.06 -14.03 8.77
CA GLY A 271 21.49 -14.29 8.67
C GLY A 271 21.87 -14.98 7.37
N ASP A 272 21.11 -16.01 7.00
CA ASP A 272 21.40 -16.71 5.74
C ASP A 272 21.22 -15.77 4.55
N LEU A 273 20.15 -14.95 4.59
CA LEU A 273 19.82 -14.09 3.46
C LEU A 273 20.86 -13.00 3.27
N ALA A 274 21.29 -12.37 4.37
CA ALA A 274 22.33 -11.35 4.25
C ALA A 274 23.59 -11.95 3.64
N GLU A 275 23.90 -13.20 3.98
CA GLU A 275 25.04 -13.86 3.37
C GLU A 275 24.80 -14.13 1.90
N ILE A 276 23.59 -14.59 1.55
CA ILE A 276 23.23 -14.80 0.16
C ILE A 276 23.37 -13.51 -0.64
N VAL A 277 22.90 -12.39 -0.07
CA VAL A 277 23.00 -11.09 -0.76
C VAL A 277 24.46 -10.70 -0.93
N LYS A 278 25.25 -10.84 0.14
CA LYS A 278 26.67 -10.52 0.05
C LYS A 278 27.35 -11.36 -1.01
N ALA A 279 27.08 -12.67 -1.04
CA ALA A 279 27.71 -13.57 -2.00
C ALA A 279 27.34 -13.21 -3.43
N PHE A 280 26.06 -12.93 -3.66
CA PHE A 280 25.61 -12.50 -4.98
C PHE A 280 26.33 -11.23 -5.42
N LEU A 281 26.41 -10.22 -4.55
CA LEU A 281 27.00 -8.96 -4.98
C LEU A 281 28.50 -9.10 -5.23
N VAL A 282 29.18 -9.93 -4.44
CA VAL A 282 30.61 -10.12 -4.68
C VAL A 282 30.84 -10.72 -6.07
N GLU A 283 30.04 -11.72 -6.43
CA GLU A 283 30.19 -12.30 -7.76
C GLU A 283 29.78 -11.31 -8.84
N PHE A 284 28.71 -10.55 -8.59
CA PHE A 284 28.22 -9.61 -9.60
C PHE A 284 29.24 -8.50 -9.84
N GLN A 285 29.80 -7.94 -8.77
CA GLN A 285 30.68 -6.79 -8.88
C GLN A 285 32.03 -7.16 -9.49
N GLU A 286 32.50 -8.38 -9.28
CA GLU A 286 33.70 -8.82 -9.98
C GLU A 286 33.50 -8.83 -11.49
N LYS A 287 32.37 -9.39 -11.96
CA LYS A 287 32.05 -9.30 -13.38
C LYS A 287 31.91 -7.85 -13.81
N TYR A 288 31.32 -7.01 -12.96
CA TYR A 288 31.06 -5.63 -13.33
C TYR A 288 32.36 -4.84 -13.48
N GLU A 289 33.23 -4.92 -12.48
CA GLU A 289 34.56 -4.33 -12.61
C GLU A 289 35.24 -4.83 -13.87
N SER A 290 35.13 -6.13 -14.14
CA SER A 290 35.86 -6.71 -15.27
C SER A 290 35.39 -6.17 -16.61
N PHE A 291 34.09 -5.94 -16.77
CA PHE A 291 33.62 -5.27 -17.99
C PHE A 291 33.92 -3.78 -17.95
N TYR A 292 33.68 -3.13 -16.81
CA TYR A 292 33.77 -1.68 -16.75
C TYR A 292 35.20 -1.19 -16.99
N ASN A 293 36.20 -1.93 -16.51
CA ASN A 293 37.59 -1.53 -16.59
C ASN A 293 38.32 -2.18 -17.78
N SER A 294 37.59 -2.59 -18.80
CA SER A 294 38.14 -3.33 -19.91
C SER A 294 38.01 -2.57 -21.22
N ASP A 295 38.99 -2.82 -22.09
CA ASP A 295 38.95 -2.31 -23.45
C ASP A 295 37.88 -3.02 -24.29
N LYS A 296 37.58 -4.27 -23.94
CA LYS A 296 36.55 -5.00 -24.66
C LYS A 296 35.18 -4.35 -24.51
N LEU A 297 34.96 -3.54 -23.46
CA LEU A 297 33.66 -2.90 -23.31
C LEU A 297 33.35 -2.02 -24.50
N ASP A 298 34.35 -1.28 -24.99
CA ASP A 298 34.13 -0.45 -26.17
C ASP A 298 33.95 -1.31 -27.41
N ASP A 299 34.63 -2.45 -27.49
CA ASP A 299 34.39 -3.36 -28.61
C ASP A 299 32.95 -3.85 -28.61
N ILE A 300 32.46 -4.29 -27.45
CA ILE A 300 31.08 -4.80 -27.34
C ILE A 300 30.08 -3.71 -27.76
N LEU A 301 30.19 -2.53 -27.16
CA LEU A 301 29.28 -1.44 -27.50
C LEU A 301 29.38 -1.05 -28.97
N ASP A 302 30.59 -1.11 -29.55
CA ASP A 302 30.72 -0.90 -31.00
C ASP A 302 29.87 -1.91 -31.76
N GLN A 303 30.02 -3.19 -31.43
CA GLN A 303 29.30 -4.21 -32.18
C GLN A 303 27.79 -4.05 -31.97
N GLY A 304 27.35 -3.73 -30.75
CA GLY A 304 25.93 -3.47 -30.54
C GLY A 304 25.43 -2.35 -31.42
N ARG A 305 26.16 -1.23 -31.46
CA ARG A 305 25.78 -0.10 -32.30
C ARG A 305 25.67 -0.51 -33.77
N ASP A 306 26.61 -1.33 -34.26
CA ASP A 306 26.58 -1.77 -35.66
C ASP A 306 25.37 -2.65 -35.93
N LYS A 307 25.06 -3.57 -35.01
CA LYS A 307 23.85 -4.36 -35.16
C LYS A 307 22.62 -3.46 -35.27
N ALA A 308 22.45 -2.54 -34.34
CA ALA A 308 21.23 -1.74 -34.34
C ALA A 308 21.15 -0.85 -35.56
N HIS A 309 22.28 -0.27 -35.98
CA HIS A 309 22.32 0.58 -37.16
C HIS A 309 21.84 -0.16 -38.39
N LYS A 310 22.22 -1.42 -38.52
CA LYS A 310 21.84 -2.16 -39.72
C LYS A 310 20.32 -2.29 -39.82
N VAL A 311 19.66 -2.55 -38.70
CA VAL A 311 18.21 -2.71 -38.75
C VAL A 311 17.54 -1.33 -38.85
N SER A 312 17.93 -0.41 -37.99
CA SER A 312 17.24 0.88 -37.94
C SER A 312 17.46 1.70 -39.21
N PHE A 313 18.59 1.50 -39.89
CA PHE A 313 18.82 2.18 -41.16
C PHE A 313 17.77 1.80 -42.19
N LYS A 314 17.52 0.50 -42.36
CA LYS A 314 16.49 0.10 -43.31
C LYS A 314 15.15 0.76 -42.98
N THR A 315 14.77 0.81 -41.70
CA THR A 315 13.49 1.43 -41.34
C THR A 315 13.46 2.92 -41.67
N VAL A 316 14.47 3.68 -41.22
CA VAL A 316 14.54 5.10 -41.56
C VAL A 316 14.43 5.31 -43.06
N LYS A 317 15.06 4.45 -43.87
CA LYS A 317 14.99 4.64 -45.32
C LYS A 317 13.58 4.42 -45.84
N LYS A 318 12.87 3.42 -45.32
CA LYS A 318 11.48 3.24 -45.73
C LYS A 318 10.66 4.45 -45.33
N MET A 319 10.87 4.95 -44.11
CA MET A 319 10.16 6.15 -43.69
C MET A 319 10.45 7.34 -44.59
N GLU A 320 11.73 7.58 -44.92
CA GLU A 320 12.04 8.76 -45.76
C GLU A 320 11.41 8.63 -47.15
N LYS A 321 11.46 7.44 -47.72
CA LYS A 321 10.78 7.21 -49.00
C LYS A 321 9.28 7.46 -48.87
N ALA A 322 8.69 7.10 -47.73
CA ALA A 322 7.25 7.26 -47.60
C ALA A 322 6.84 8.73 -47.52
N MET A 323 7.62 9.57 -46.84
CA MET A 323 7.30 11.00 -46.77
C MET A 323 7.89 11.83 -47.91
N GLY A 324 8.77 11.26 -48.72
CA GLY A 324 9.37 12.01 -49.79
C GLY A 324 10.58 12.85 -49.40
N LEU A 325 11.18 12.59 -48.24
CA LEU A 325 12.48 13.13 -47.90
C LEU A 325 13.53 12.58 -48.86
N GLY A 326 14.57 13.37 -49.08
CA GLY A 326 15.79 12.89 -49.71
C GLY A 326 15.64 12.69 -51.20
N ARG A 327 16.36 11.68 -51.71
CA ARG A 327 16.37 11.36 -53.13
C ARG A 327 16.06 9.89 -53.37
N LYS A 328 15.51 9.61 -54.55
CA LYS A 328 15.46 8.25 -55.06
C LYS A 328 16.78 7.99 -55.76
N ARG A 329 17.61 7.14 -55.17
CA ARG A 329 18.84 6.72 -55.82
C ARG A 329 18.74 5.23 -56.12
N MET B 1 -12.30 -5.67 -36.12
CA MET B 1 -12.46 -4.95 -34.83
C MET B 1 -11.83 -5.80 -33.72
N GLU B 2 -11.05 -5.18 -32.86
CA GLU B 2 -10.46 -5.94 -31.73
C GLU B 2 -11.51 -6.09 -30.64
N THR B 3 -11.57 -7.26 -30.04
CA THR B 3 -12.47 -7.52 -28.93
C THR B 3 -11.80 -7.19 -27.59
N LEU B 4 -12.53 -6.49 -26.73
CA LEU B 4 -12.06 -6.16 -25.39
C LEU B 4 -12.93 -6.86 -24.35
N PHE B 5 -12.30 -7.36 -23.28
CA PHE B 5 -13.04 -7.96 -22.18
C PHE B 5 -12.58 -7.35 -20.87
N SER B 6 -13.54 -6.94 -20.03
CA SER B 6 -13.20 -6.39 -18.73
C SER B 6 -14.08 -7.04 -17.67
N GLY B 7 -13.45 -7.62 -16.65
CA GLY B 7 -14.17 -8.16 -15.53
C GLY B 7 -14.40 -7.10 -14.46
N ILE B 8 -15.64 -6.99 -14.01
CA ILE B 8 -16.06 -5.97 -13.05
C ILE B 8 -16.43 -6.67 -11.74
N GLN B 9 -15.68 -6.39 -10.69
CA GLN B 9 -15.99 -6.94 -9.38
C GLN B 9 -17.28 -6.30 -8.87
N PRO B 10 -18.27 -7.07 -8.48
CA PRO B 10 -19.47 -6.50 -7.84
C PRO B 10 -19.34 -6.47 -6.32
N SER B 11 -18.25 -5.91 -5.82
CA SER B 11 -17.94 -5.91 -4.40
C SER B 11 -17.60 -4.53 -3.91
N GLY B 12 -17.68 -3.54 -4.79
CA GLY B 12 -17.18 -2.22 -4.50
C GLY B 12 -17.62 -1.23 -5.55
N ILE B 13 -17.90 -0.03 -5.09
CA ILE B 13 -18.48 1.01 -5.93
C ILE B 13 -17.34 1.78 -6.58
N PRO B 14 -17.37 1.96 -7.89
CA PRO B 14 -16.34 2.75 -8.55
C PRO B 14 -16.26 4.16 -7.97
N THR B 15 -15.04 4.65 -7.83
CA THR B 15 -14.78 6.01 -7.42
C THR B 15 -14.76 6.94 -8.63
N ILE B 16 -14.61 8.23 -8.33
CA ILE B 16 -14.45 9.24 -9.37
C ILE B 16 -13.19 8.99 -10.18
N GLY B 17 -12.15 8.46 -9.54
CA GLY B 17 -10.95 8.05 -10.26
C GLY B 17 -11.22 6.91 -11.21
N ASN B 18 -11.97 5.89 -10.77
CA ASN B 18 -12.35 4.82 -11.68
C ASN B 18 -13.09 5.38 -12.89
N TYR B 19 -13.96 6.36 -12.67
CA TYR B 19 -14.74 6.93 -13.76
C TYR B 19 -13.86 7.72 -14.72
N ILE B 20 -13.02 8.60 -14.17
CA ILE B 20 -12.16 9.44 -15.00
C ILE B 20 -11.18 8.58 -15.79
N GLY B 21 -10.61 7.56 -15.16
CA GLY B 21 -9.61 6.71 -15.79
C GLY B 21 -10.13 5.61 -16.69
N ALA B 22 -11.23 4.96 -16.31
CA ALA B 22 -11.73 3.82 -17.07
C ALA B 22 -13.12 4.06 -17.67
N LEU B 23 -14.11 4.35 -16.82
CA LEU B 23 -15.50 4.29 -17.25
C LEU B 23 -15.77 5.28 -18.37
N LYS B 24 -15.38 6.55 -18.14
CA LYS B 24 -15.64 7.60 -19.12
C LYS B 24 -15.00 7.26 -20.46
N GLN B 25 -13.86 6.58 -20.45
CA GLN B 25 -13.20 6.23 -21.70
C GLN B 25 -13.94 5.12 -22.41
N PHE B 26 -14.44 4.13 -21.66
CA PHE B 26 -15.20 3.02 -22.26
C PHE B 26 -16.41 3.52 -23.05
N VAL B 27 -16.99 4.64 -22.62
CA VAL B 27 -18.12 5.24 -23.32
C VAL B 27 -17.72 5.66 -24.74
N ASP B 28 -16.44 6.00 -24.94
CA ASP B 28 -15.90 6.30 -26.26
C ASP B 28 -15.43 5.05 -26.98
N VAL B 29 -14.60 4.21 -26.34
CA VAL B 29 -14.00 3.08 -27.05
C VAL B 29 -15.03 2.04 -27.47
N GLN B 30 -16.23 2.04 -26.88
CA GLN B 30 -17.23 1.05 -27.26
C GLN B 30 -17.72 1.22 -28.69
N ASN B 31 -17.42 2.35 -29.33
CA ASN B 31 -17.75 2.54 -30.74
C ASN B 31 -16.71 1.94 -31.68
N ASP B 32 -15.49 1.73 -31.20
CA ASP B 32 -14.44 1.21 -32.06
C ASP B 32 -13.94 -0.17 -31.65
N TYR B 33 -14.29 -0.65 -30.47
CA TYR B 33 -13.90 -1.97 -30.04
C TYR B 33 -15.15 -2.73 -29.63
N ASP B 34 -15.15 -4.03 -29.91
CA ASP B 34 -16.19 -4.97 -29.48
C ASP B 34 -15.98 -5.27 -28.00
N CYS B 35 -16.79 -4.68 -27.13
CA CYS B 35 -16.50 -4.65 -25.71
C CYS B 35 -17.43 -5.56 -24.92
N TYR B 36 -16.85 -6.35 -24.03
CA TYR B 36 -17.57 -7.17 -23.07
C TYR B 36 -17.31 -6.61 -21.68
N PHE B 37 -18.39 -6.32 -20.96
CA PHE B 37 -18.32 -5.86 -19.58
C PHE B 37 -19.02 -6.89 -18.72
N CYS B 38 -18.25 -7.63 -17.95
CA CYS B 38 -18.73 -8.85 -17.31
C CYS B 38 -18.65 -8.71 -15.80
N ILE B 39 -19.80 -8.86 -15.13
CA ILE B 39 -19.88 -8.69 -13.69
C ILE B 39 -19.60 -10.03 -13.06
N VAL B 40 -18.40 -10.19 -12.49
CA VAL B 40 -17.89 -11.52 -12.17
C VAL B 40 -18.37 -11.86 -10.77
N ASP B 41 -19.65 -12.23 -10.69
CA ASP B 41 -20.18 -12.62 -9.40
C ASP B 41 -19.59 -13.95 -8.94
N GLN B 42 -19.29 -14.87 -9.86
CA GLN B 42 -18.64 -16.11 -9.44
C GLN B 42 -17.25 -15.86 -8.87
N HIS B 43 -16.54 -14.82 -9.34
CA HIS B 43 -15.26 -14.45 -8.75
C HIS B 43 -15.45 -13.83 -7.37
N ALA B 44 -16.53 -13.06 -7.20
CA ALA B 44 -16.80 -12.38 -5.95
C ALA B 44 -16.89 -13.35 -4.78
N ILE B 45 -17.45 -14.55 -5.01
CA ILE B 45 -17.70 -15.47 -3.90
C ILE B 45 -16.50 -16.33 -3.56
N THR B 46 -15.34 -16.09 -4.20
CA THR B 46 -14.13 -16.68 -3.67
C THR B 46 -13.81 -16.14 -2.30
N MET B 47 -14.33 -14.96 -1.98
CA MET B 47 -14.21 -14.28 -0.71
C MET B 47 -15.57 -14.26 -0.02
N PRO B 48 -15.61 -14.09 1.30
CA PRO B 48 -16.90 -14.12 2.01
C PRO B 48 -17.78 -12.97 1.58
N GLN B 49 -19.07 -13.28 1.43
CA GLN B 49 -20.04 -12.30 0.94
C GLN B 49 -21.39 -12.58 1.59
N ASP B 50 -22.10 -11.52 1.96
CA ASP B 50 -23.46 -11.68 2.46
C ASP B 50 -24.41 -11.83 1.29
N ARG B 51 -25.24 -12.88 1.37
CA ARG B 51 -26.06 -13.29 0.23
C ARG B 51 -26.92 -12.15 -0.29
N LEU B 52 -27.49 -11.34 0.60
CA LEU B 52 -28.40 -10.30 0.15
C LEU B 52 -27.62 -9.09 -0.34
N LYS B 53 -26.50 -8.79 0.30
CA LYS B 53 -25.62 -7.74 -0.17
C LYS B 53 -25.23 -8.01 -1.63
N LEU B 54 -24.87 -9.25 -1.95
CA LEU B 54 -24.22 -9.52 -3.24
C LEU B 54 -25.18 -9.27 -4.40
N ARG B 55 -26.44 -9.67 -4.26
CA ARG B 55 -27.42 -9.46 -5.32
C ARG B 55 -27.71 -7.98 -5.52
N LYS B 56 -27.68 -7.21 -4.44
CA LYS B 56 -27.79 -5.75 -4.57
C LYS B 56 -26.58 -5.17 -5.30
N GLN B 57 -25.38 -5.52 -4.84
CA GLN B 57 -24.16 -4.94 -5.41
C GLN B 57 -24.06 -5.22 -6.89
N THR B 58 -24.43 -6.45 -7.30
CA THR B 58 -24.41 -6.81 -8.71
C THR B 58 -25.33 -5.91 -9.52
N ARG B 59 -26.52 -5.63 -8.99
CA ARG B 59 -27.43 -4.70 -9.65
C ARG B 59 -26.84 -3.30 -9.71
N GLN B 60 -26.21 -2.85 -8.62
CA GLN B 60 -25.68 -1.50 -8.58
C GLN B 60 -24.62 -1.31 -9.65
N LEU B 61 -23.75 -2.31 -9.86
CA LEU B 61 -22.68 -2.19 -10.84
C LEU B 61 -23.24 -2.09 -12.26
N ALA B 62 -24.28 -2.87 -12.56
CA ALA B 62 -24.90 -2.75 -13.88
C ALA B 62 -25.48 -1.36 -14.07
N ALA B 63 -26.16 -0.85 -13.04
CA ALA B 63 -26.72 0.50 -13.10
C ALA B 63 -25.62 1.54 -13.23
N ILE B 64 -24.50 1.34 -12.53
CA ILE B 64 -23.42 2.33 -12.58
C ILE B 64 -22.81 2.40 -13.97
N TYR B 65 -22.58 1.24 -14.60
CA TYR B 65 -22.00 1.24 -15.95
C TYR B 65 -22.97 1.80 -16.97
N LEU B 66 -24.27 1.51 -16.83
CA LEU B 66 -25.25 2.12 -17.72
C LEU B 66 -25.37 3.62 -17.48
N ALA B 67 -25.39 4.03 -16.21
CA ALA B 67 -25.42 5.45 -15.89
C ALA B 67 -24.20 6.17 -16.47
N SER B 68 -23.08 5.46 -16.65
CA SER B 68 -21.88 6.06 -17.23
C SER B 68 -22.00 6.27 -18.73
N GLY B 69 -22.97 5.65 -19.39
CA GLY B 69 -23.08 5.72 -20.83
C GLY B 69 -22.70 4.46 -21.59
N ILE B 70 -22.42 3.35 -20.90
CA ILE B 70 -22.21 2.09 -21.61
C ILE B 70 -23.49 1.72 -22.32
N ASP B 71 -23.40 1.48 -23.63
CA ASP B 71 -24.56 1.27 -24.46
C ASP B 71 -24.80 -0.22 -24.61
N PRO B 72 -25.92 -0.75 -24.11
CA PRO B 72 -26.15 -2.21 -24.19
C PRO B 72 -26.32 -2.74 -25.60
N ASP B 73 -26.38 -1.86 -26.60
CA ASP B 73 -26.44 -2.28 -28.00
C ASP B 73 -25.06 -2.32 -28.63
N LYS B 74 -24.24 -1.30 -28.37
CA LYS B 74 -22.88 -1.29 -28.90
C LYS B 74 -22.00 -2.31 -28.18
N ALA B 75 -22.18 -2.47 -26.87
CA ALA B 75 -21.35 -3.30 -26.00
C ALA B 75 -22.15 -4.50 -25.50
N THR B 76 -21.51 -5.35 -24.72
CA THR B 76 -22.17 -6.51 -24.11
C THR B 76 -21.96 -6.47 -22.59
N LEU B 77 -23.04 -6.22 -21.86
CA LEU B 77 -23.00 -6.08 -20.42
C LEU B 77 -23.80 -7.23 -19.81
N PHE B 78 -23.14 -8.09 -19.02
CA PHE B 78 -23.77 -9.31 -18.56
C PHE B 78 -23.14 -9.78 -17.25
N ILE B 79 -23.86 -10.67 -16.57
CA ILE B 79 -23.44 -11.28 -15.31
C ILE B 79 -22.84 -12.64 -15.59
N GLN B 80 -21.69 -12.92 -14.96
CA GLN B 80 -20.89 -14.10 -15.25
C GLN B 80 -21.67 -15.40 -15.00
N SER B 81 -22.35 -15.49 -13.85
CA SER B 81 -23.03 -16.74 -13.49
C SER B 81 -24.12 -17.13 -14.49
N GLU B 82 -24.68 -16.17 -15.21
CA GLU B 82 -25.76 -16.49 -16.14
C GLU B 82 -25.26 -17.03 -17.47
N VAL B 83 -23.96 -17.23 -17.63
CA VAL B 83 -23.37 -17.79 -18.83
C VAL B 83 -22.54 -18.99 -18.41
N PRO B 84 -23.09 -20.21 -18.56
CA PRO B 84 -22.40 -21.39 -18.03
C PRO B 84 -21.05 -21.59 -18.67
N ALA B 85 -20.83 -21.03 -19.85
CA ALA B 85 -19.58 -21.28 -20.54
C ALA B 85 -18.37 -20.94 -19.66
N HIS B 86 -18.50 -19.98 -18.75
CA HIS B 86 -17.36 -19.57 -17.95
C HIS B 86 -16.85 -20.72 -17.08
N VAL B 87 -17.73 -21.35 -16.30
CA VAL B 87 -17.23 -22.43 -15.48
C VAL B 87 -16.93 -23.67 -16.31
N GLN B 88 -17.49 -23.79 -17.52
CA GLN B 88 -17.14 -24.95 -18.35
C GLN B 88 -15.71 -24.82 -18.87
N ALA B 89 -15.41 -23.70 -19.53
CA ALA B 89 -14.04 -23.48 -19.98
C ALA B 89 -13.11 -23.35 -18.78
N GLY B 90 -13.66 -22.92 -17.63
CA GLY B 90 -12.82 -22.74 -16.46
C GLY B 90 -12.23 -24.05 -15.99
N TRP B 91 -13.09 -25.08 -15.94
CA TRP B 91 -12.67 -26.41 -15.53
C TRP B 91 -11.68 -27.00 -16.52
N MET B 92 -11.99 -26.92 -17.82
CA MET B 92 -11.05 -27.44 -18.81
C MET B 92 -9.67 -26.81 -18.65
N LEU B 93 -9.62 -25.47 -18.56
CA LEU B 93 -8.33 -24.82 -18.39
C LEU B 93 -7.68 -25.24 -17.08
N THR B 94 -8.48 -25.51 -16.05
CA THR B 94 -7.92 -25.91 -14.78
C THR B 94 -7.17 -27.24 -14.91
N THR B 95 -7.75 -28.21 -15.63
CA THR B 95 -7.15 -29.55 -15.75
C THR B 95 -5.81 -29.54 -16.47
N ILE B 96 -5.46 -28.48 -17.19
CA ILE B 96 -4.16 -28.37 -17.84
C ILE B 96 -3.25 -27.35 -17.16
N ALA B 97 -3.75 -26.63 -16.16
CA ALA B 97 -2.88 -25.89 -15.26
C ALA B 97 -2.17 -26.88 -14.35
N SER B 98 -1.13 -26.40 -13.67
CA SER B 98 -0.47 -27.23 -12.67
C SER B 98 -0.74 -26.64 -11.29
N VAL B 99 -0.61 -27.49 -10.27
CA VAL B 99 -0.73 -26.97 -8.91
C VAL B 99 0.34 -25.92 -8.64
N GLY B 100 1.57 -26.15 -9.15
CA GLY B 100 2.63 -25.19 -8.97
C GLY B 100 2.27 -23.83 -9.54
N GLU B 101 1.76 -23.81 -10.77
CA GLU B 101 1.34 -22.54 -11.37
C GLU B 101 0.27 -21.85 -10.53
N LEU B 102 -0.72 -22.61 -10.04
CA LEU B 102 -1.75 -22.00 -9.22
C LEU B 102 -1.16 -21.42 -7.95
N GLU B 103 -0.23 -22.15 -7.34
CA GLU B 103 0.41 -21.67 -6.12
C GLU B 103 1.19 -20.38 -6.39
N ARG B 104 1.83 -20.27 -7.54
CA ARG B 104 2.68 -19.08 -7.80
C ARG B 104 1.82 -17.82 -7.95
N MET B 105 0.56 -17.96 -8.38
CA MET B 105 -0.30 -16.79 -8.45
C MET B 105 -0.67 -16.28 -7.06
N THR B 106 -0.69 -17.17 -6.06
CA THR B 106 -0.88 -16.72 -4.68
C THR B 106 0.28 -15.85 -4.21
N GLN B 107 1.49 -16.25 -4.59
CA GLN B 107 2.68 -15.42 -4.25
C GLN B 107 2.67 -14.20 -5.18
N TYR B 108 3.11 -13.05 -4.67
CA TYR B 108 3.14 -11.81 -5.44
C TYR B 108 1.76 -11.49 -6.02
N GLY B 118 -9.25 -22.50 7.78
CA GLY B 118 -8.76 -22.83 6.46
C GLY B 118 -8.64 -21.68 5.46
N ILE B 119 -7.98 -21.94 4.33
CA ILE B 119 -7.80 -20.97 3.25
C ILE B 119 -8.81 -21.31 2.15
N PRO B 120 -9.77 -20.44 1.84
CA PRO B 120 -10.79 -20.76 0.83
C PRO B 120 -10.18 -21.20 -0.49
N ALA B 121 -10.61 -22.36 -0.98
CA ALA B 121 -10.02 -22.92 -2.18
C ALA B 121 -10.26 -22.04 -3.39
N GLY B 122 -11.31 -21.22 -3.36
CA GLY B 122 -11.58 -20.33 -4.46
C GLY B 122 -10.43 -19.39 -4.73
N LEU B 123 -9.69 -19.03 -3.69
CA LEU B 123 -8.53 -18.15 -3.82
C LEU B 123 -7.35 -18.84 -4.48
N LEU B 124 -7.37 -20.16 -4.58
CA LEU B 124 -6.30 -20.87 -5.26
C LEU B 124 -6.66 -21.21 -6.69
N THR B 125 -7.93 -21.52 -6.93
CA THR B 125 -8.35 -22.05 -8.22
C THR B 125 -8.95 -20.99 -9.13
N TYR B 126 -9.10 -19.77 -8.67
CA TYR B 126 -9.76 -18.81 -9.56
C TYR B 126 -8.99 -18.41 -10.82
N PRO B 127 -7.66 -18.48 -10.89
CA PRO B 127 -6.96 -17.93 -12.10
C PRO B 127 -7.41 -18.58 -13.40
N PRO B 128 -7.57 -19.91 -13.48
CA PRO B 128 -8.11 -20.50 -14.72
C PRO B 128 -9.50 -20.03 -15.08
N LEU B 129 -10.30 -19.63 -14.08
CA LEU B 129 -11.62 -19.07 -14.41
C LEU B 129 -11.47 -17.70 -15.06
N MET B 130 -10.54 -16.88 -14.54
CA MET B 130 -10.21 -15.62 -15.17
C MET B 130 -9.78 -15.82 -16.61
N ALA B 131 -8.86 -16.77 -16.82
CA ALA B 131 -8.42 -17.10 -18.18
C ALA B 131 -9.60 -17.51 -19.05
N ALA B 132 -10.53 -18.30 -18.51
CA ALA B 132 -11.69 -18.69 -19.31
C ALA B 132 -12.57 -17.47 -19.63
N ASP B 133 -12.82 -16.62 -18.62
CA ASP B 133 -13.55 -15.38 -18.87
C ASP B 133 -13.04 -14.67 -20.11
N ILE B 134 -11.72 -14.55 -20.23
CA ILE B 134 -11.12 -13.79 -21.32
C ILE B 134 -11.21 -14.56 -22.64
N VAL B 135 -10.63 -15.76 -22.69
CA VAL B 135 -10.49 -16.45 -23.96
C VAL B 135 -11.81 -16.94 -24.55
N LEU B 136 -12.89 -16.97 -23.77
CA LEU B 136 -14.16 -17.47 -24.31
C LEU B 136 -14.69 -16.55 -25.40
N TYR B 137 -14.33 -15.28 -25.36
CA TYR B 137 -14.83 -14.29 -26.31
C TYR B 137 -13.80 -13.95 -27.38
N ASN B 138 -12.75 -14.77 -27.51
CA ASN B 138 -11.67 -14.52 -28.47
C ASN B 138 -11.10 -13.13 -28.27
N THR B 139 -10.83 -12.82 -27.00
CA THR B 139 -10.47 -11.48 -26.60
C THR B 139 -9.07 -11.09 -27.08
N ASN B 140 -8.97 -9.89 -27.65
CA ASN B 140 -7.67 -9.39 -28.05
C ASN B 140 -7.00 -8.58 -26.94
N ILE B 141 -7.76 -7.77 -26.19
CA ILE B 141 -7.17 -6.87 -25.19
C ILE B 141 -7.98 -6.89 -23.89
N VAL B 142 -7.24 -6.72 -22.79
CA VAL B 142 -7.80 -6.70 -21.45
C VAL B 142 -7.26 -5.45 -20.75
N PRO B 143 -8.10 -4.51 -20.37
CA PRO B 143 -7.61 -3.24 -19.82
C PRO B 143 -7.30 -3.30 -18.33
N VAL B 144 -6.37 -4.17 -17.94
CA VAL B 144 -5.96 -4.28 -16.56
C VAL B 144 -4.64 -3.54 -16.36
N GLY B 145 -4.24 -3.40 -15.10
CA GLY B 145 -3.00 -2.75 -14.73
C GLY B 145 -1.89 -3.71 -14.37
N ASP B 146 -0.89 -3.18 -13.64
CA ASP B 146 0.33 -3.93 -13.37
C ASP B 146 0.09 -5.13 -12.46
N ASP B 147 -0.91 -5.05 -11.58
CA ASP B 147 -1.13 -6.13 -10.63
C ASP B 147 -1.75 -7.36 -11.28
N GLN B 148 -2.31 -7.24 -12.47
CA GLN B 148 -2.90 -8.36 -13.19
C GLN B 148 -1.95 -8.94 -14.25
N LYS B 149 -0.71 -8.46 -14.29
CA LYS B 149 0.26 -8.93 -15.29
C LYS B 149 0.41 -10.46 -15.22
N GLN B 150 0.57 -11.01 -14.02
CA GLN B 150 0.80 -12.45 -13.91
C GLN B 150 -0.41 -13.25 -14.36
N HIS B 151 -1.63 -12.74 -14.13
CA HIS B 151 -2.82 -13.47 -14.57
C HIS B 151 -2.88 -13.53 -16.09
N ILE B 152 -2.48 -12.45 -16.76
CA ILE B 152 -2.47 -12.47 -18.22
C ILE B 152 -1.35 -13.35 -18.73
N GLU B 153 -0.22 -13.39 -18.03
CA GLU B 153 0.84 -14.34 -18.37
C GLU B 153 0.32 -15.78 -18.28
N LEU B 154 -0.37 -16.10 -17.18
CA LEU B 154 -0.95 -17.42 -17.07
C LEU B 154 -1.95 -17.67 -18.20
N THR B 155 -2.82 -16.70 -18.47
CA THR B 155 -3.81 -16.88 -19.53
C THR B 155 -3.14 -17.16 -20.87
N ARG B 156 -2.08 -16.43 -21.20
CA ARG B 156 -1.36 -16.69 -22.44
C ARG B 156 -0.70 -18.06 -22.42
N ASN B 157 -0.12 -18.43 -21.29
CA ASN B 157 0.52 -19.74 -21.22
C ASN B 157 -0.49 -20.86 -21.38
N LEU B 158 -1.68 -20.72 -20.75
CA LEU B 158 -2.71 -21.73 -20.88
C LEU B 158 -3.21 -21.83 -22.31
N VAL B 159 -3.37 -20.68 -22.99
CA VAL B 159 -3.81 -20.70 -24.38
C VAL B 159 -2.78 -21.41 -25.25
N ASP B 160 -1.49 -21.16 -25.01
CA ASP B 160 -0.45 -21.82 -25.78
C ASP B 160 -0.45 -23.31 -25.52
N ARG B 161 -0.65 -23.69 -24.25
CA ARG B 161 -0.68 -25.09 -23.89
C ARG B 161 -1.84 -25.79 -24.57
N PHE B 162 -3.03 -25.16 -24.60
CA PHE B 162 -4.19 -25.79 -25.20
C PHE B 162 -4.02 -25.92 -26.71
N ASN B 163 -3.61 -24.86 -27.37
CA ASN B 163 -3.56 -24.85 -28.84
C ASN B 163 -2.53 -25.81 -29.39
N SER B 164 -1.49 -26.11 -28.61
CA SER B 164 -0.43 -26.98 -29.08
C SER B 164 -0.59 -28.43 -28.63
N ARG B 165 -1.36 -28.66 -27.57
CA ARG B 165 -1.62 -30.03 -27.16
C ARG B 165 -2.89 -30.60 -27.76
N TYR B 166 -3.89 -29.76 -28.02
CA TYR B 166 -5.16 -30.24 -28.56
C TYR B 166 -5.36 -29.76 -29.99
N ASN B 167 -5.50 -28.45 -30.22
CA ASN B 167 -5.40 -27.85 -31.55
C ASN B 167 -5.72 -26.36 -31.40
N ASP B 168 -5.43 -25.63 -32.46
CA ASP B 168 -5.39 -24.17 -32.48
C ASP B 168 -6.80 -23.59 -32.39
N VAL B 169 -7.24 -23.20 -31.20
CA VAL B 169 -8.64 -22.74 -31.13
C VAL B 169 -8.70 -21.45 -30.30
N LEU B 170 -7.81 -21.30 -29.32
CA LEU B 170 -7.91 -20.15 -28.40
C LEU B 170 -7.00 -18.99 -28.85
N VAL B 171 -7.37 -17.75 -28.50
CA VAL B 171 -6.61 -16.53 -28.88
C VAL B 171 -5.90 -15.97 -27.64
N LYS B 172 -4.63 -15.64 -27.78
CA LYS B 172 -3.85 -15.00 -26.71
C LYS B 172 -4.25 -13.54 -26.58
N PRO B 173 -4.71 -13.09 -25.40
CA PRO B 173 -5.00 -11.66 -25.22
C PRO B 173 -3.74 -10.86 -24.93
N GLU B 174 -3.87 -9.54 -25.05
CA GLU B 174 -2.85 -8.60 -24.63
C GLU B 174 -3.42 -7.67 -23.58
N ILE B 175 -2.55 -7.08 -22.76
CA ILE B 175 -2.96 -6.04 -21.84
C ILE B 175 -2.95 -4.71 -22.58
N ARG B 176 -4.12 -4.12 -22.78
CA ARG B 176 -4.21 -2.81 -23.41
C ARG B 176 -5.51 -2.13 -23.02
N MET B 177 -5.41 -0.85 -22.66
CA MET B 177 -6.54 0.04 -22.49
C MET B 177 -6.51 1.06 -23.62
N PRO B 178 -7.49 1.08 -24.53
CA PRO B 178 -7.34 1.91 -25.75
C PRO B 178 -7.13 3.42 -25.53
N LYS B 179 -7.77 4.05 -24.55
CA LYS B 179 -7.53 5.47 -24.23
C LYS B 179 -7.31 5.57 -22.73
N VAL B 180 -6.11 5.95 -22.29
CA VAL B 180 -5.74 5.78 -20.88
C VAL B 180 -6.57 6.66 -19.96
N GLY B 181 -6.80 7.92 -20.31
CA GLY B 181 -7.48 8.74 -19.31
C GLY B 181 -6.70 9.01 -18.03
N GLY B 182 -7.03 10.10 -17.35
CA GLY B 182 -6.14 10.63 -16.33
C GLY B 182 -6.09 9.77 -15.08
N ARG B 183 -4.92 9.78 -14.42
CA ARG B 183 -4.75 9.20 -13.11
C ARG B 183 -5.33 10.12 -12.04
N VAL B 184 -5.93 9.54 -11.01
CA VAL B 184 -6.53 10.29 -9.91
C VAL B 184 -5.96 9.74 -8.60
N MET B 185 -5.44 10.62 -7.75
CA MET B 185 -4.73 10.17 -6.55
C MET B 185 -5.67 10.31 -5.35
N SER B 186 -5.29 9.67 -4.24
CA SER B 186 -6.05 9.84 -3.00
C SER B 186 -6.04 11.29 -2.56
N LEU B 187 -7.13 11.74 -1.95
CA LEU B 187 -7.30 13.16 -1.66
C LEU B 187 -6.44 13.62 -0.50
N GLN B 188 -6.33 12.80 0.54
CA GLN B 188 -5.50 13.11 1.68
C GLN B 188 -4.18 12.36 1.65
N ASP B 189 -3.77 11.91 0.47
CA ASP B 189 -2.55 11.13 0.28
C ASP B 189 -2.19 11.16 -1.20
N PRO B 190 -1.73 12.30 -1.74
CA PRO B 190 -1.53 12.41 -3.20
C PRO B 190 -0.44 11.52 -3.78
N THR B 191 0.19 10.69 -2.95
CA THR B 191 1.16 9.73 -3.46
C THR B 191 0.47 8.45 -3.93
N ARG B 192 -0.26 7.79 -3.04
CA ARG B 192 -0.98 6.56 -3.35
C ARG B 192 -2.16 6.82 -4.28
N LYS B 193 -2.65 5.76 -4.88
CA LYS B 193 -3.76 5.87 -5.80
C LYS B 193 -5.09 5.90 -5.05
N MET B 194 -6.03 6.69 -5.58
CA MET B 194 -7.39 6.64 -5.08
C MET B 194 -7.94 5.21 -5.21
N SER B 195 -8.28 4.59 -4.09
CA SER B 195 -8.81 3.24 -4.09
C SER B 195 -10.16 3.17 -3.39
N LYS B 196 -11.09 2.40 -3.93
CA LYS B 196 -12.44 2.27 -3.31
C LYS B 196 -12.36 1.56 -1.96
N SER B 197 -11.29 0.81 -1.70
CA SER B 197 -11.21 0.02 -0.48
C SER B 197 -10.48 0.72 0.65
N ASP B 198 -10.10 1.99 0.49
CA ASP B 198 -9.31 2.67 1.50
C ASP B 198 -10.04 2.75 2.83
N ASP B 199 -9.29 2.52 3.92
CA ASP B 199 -9.85 2.63 5.26
C ASP B 199 -10.19 4.07 5.60
N ASN B 200 -9.43 5.02 5.08
CA ASN B 200 -9.71 6.45 5.25
C ASN B 200 -10.62 6.88 4.11
N ALA B 201 -11.93 6.96 4.38
CA ALA B 201 -12.91 7.30 3.35
C ALA B 201 -12.75 8.71 2.81
N LYS B 202 -12.09 9.60 3.54
CA LYS B 202 -11.83 10.91 2.98
C LYS B 202 -10.77 10.88 1.88
N ASN B 203 -10.23 9.70 1.55
CA ASN B 203 -9.25 9.58 0.47
C ASN B 203 -9.88 9.43 -0.91
N PHE B 204 -11.17 9.08 -1.01
CA PHE B 204 -11.81 8.82 -2.29
C PHE B 204 -13.21 9.43 -2.31
N ILE B 205 -13.74 9.61 -3.52
CA ILE B 205 -15.12 10.02 -3.74
C ILE B 205 -15.79 8.93 -4.55
N SER B 206 -16.63 8.14 -3.90
CA SER B 206 -17.40 7.11 -4.61
C SER B 206 -18.42 7.76 -5.53
N LEU B 207 -18.73 7.05 -6.62
CA LEU B 207 -19.77 7.50 -7.52
C LEU B 207 -21.15 7.53 -6.86
N LEU B 208 -21.29 6.87 -5.72
CA LEU B 208 -22.54 6.88 -4.97
C LEU B 208 -22.42 7.58 -3.62
N ASP B 209 -21.31 8.30 -3.39
CA ASP B 209 -21.25 9.19 -2.25
C ASP B 209 -22.34 10.25 -2.35
N GLU B 210 -22.87 10.66 -1.19
CA GLU B 210 -23.79 11.79 -1.16
C GLU B 210 -23.12 13.01 -1.75
N PRO B 211 -23.78 13.74 -2.65
CA PRO B 211 -23.12 14.88 -3.31
C PRO B 211 -22.52 15.89 -2.34
N ASN B 212 -23.12 16.11 -1.18
CA ASN B 212 -22.54 17.04 -0.23
C ASN B 212 -21.44 16.43 0.62
N VAL B 213 -21.42 15.10 0.74
CA VAL B 213 -20.27 14.40 1.33
C VAL B 213 -19.06 14.51 0.40
N ALA B 214 -19.29 14.38 -0.91
CA ALA B 214 -18.21 14.55 -1.87
C ALA B 214 -17.61 15.95 -1.77
N ALA B 215 -18.48 16.96 -1.70
CA ALA B 215 -17.99 18.35 -1.61
C ALA B 215 -17.10 18.53 -0.39
N LYS B 216 -17.47 17.90 0.73
CA LYS B 216 -16.61 17.96 1.90
C LYS B 216 -15.24 17.36 1.62
N LYS B 217 -15.22 16.20 0.93
CA LYS B 217 -13.95 15.49 0.72
C LYS B 217 -13.01 16.28 -0.19
N ILE B 218 -13.55 17.03 -1.15
CA ILE B 218 -12.73 17.92 -1.98
C ILE B 218 -12.10 19.00 -1.13
N LYS B 219 -12.86 19.57 -0.21
CA LYS B 219 -12.39 20.64 0.65
C LYS B 219 -11.49 20.14 1.76
N SER B 220 -11.74 18.94 2.27
CA SER B 220 -10.83 18.34 3.23
C SER B 220 -9.59 17.74 2.55
N ALA B 221 -9.36 18.10 1.30
CA ALA B 221 -8.23 17.47 0.58
C ALA B 221 -6.93 18.21 0.89
N VAL B 222 -5.85 17.47 1.06
CA VAL B 222 -4.52 18.09 1.35
C VAL B 222 -4.05 18.85 0.12
N THR B 223 -4.19 20.18 0.12
CA THR B 223 -3.73 21.02 -0.99
C THR B 223 -2.36 21.52 -0.66
N ASP B 224 -1.96 21.35 0.60
CA ASP B 224 -0.60 21.78 1.03
C ASP B 224 -0.30 23.15 0.41
N ASP B 226 0.44 26.23 -0.31
CA ASP B 226 -0.35 27.45 -0.62
C ASP B 226 0.20 28.08 -1.90
N GLY B 227 -0.69 28.68 -2.71
CA GLY B 227 -0.23 29.33 -3.94
C GLY B 227 -1.35 29.48 -4.94
N ILE B 228 -1.04 29.30 -6.22
CA ILE B 228 -2.09 29.39 -7.28
C ILE B 228 -2.19 28.00 -7.93
N ILE B 229 -3.16 27.82 -8.84
CA ILE B 229 -3.25 26.54 -9.52
C ILE B 229 -2.14 26.42 -10.58
N LYS B 230 -1.27 25.42 -10.41
CA LYS B 230 -0.28 25.08 -11.43
C LYS B 230 0.01 23.58 -11.32
N PHE B 231 -0.12 22.89 -12.44
CA PHE B 231 0.16 21.46 -12.46
C PHE B 231 1.63 21.26 -12.18
N ASP B 232 1.93 20.51 -11.11
CA ASP B 232 3.30 20.17 -10.75
C ASP B 232 3.21 18.91 -9.92
N ARG B 233 3.48 17.76 -10.53
CA ARG B 233 3.36 16.52 -9.78
C ARG B 233 4.44 16.36 -8.72
N ASP B 234 5.52 17.14 -8.82
CA ASP B 234 6.61 17.11 -7.84
C ASP B 234 6.64 18.43 -7.08
N ASN B 235 6.74 18.36 -5.75
CA ASN B 235 6.72 19.47 -4.79
C ASN B 235 5.37 20.18 -4.74
N LYS B 236 4.40 19.79 -5.55
CA LYS B 236 3.03 20.27 -5.44
C LYS B 236 2.04 19.17 -5.82
N PRO B 237 2.12 17.98 -5.21
CA PRO B 237 1.28 16.86 -5.66
C PRO B 237 -0.17 16.95 -5.21
N GLY B 238 -0.48 17.69 -4.16
CA GLY B 238 -1.83 17.76 -3.66
C GLY B 238 -2.70 18.59 -4.55
N ILE B 239 -2.36 19.87 -4.72
CA ILE B 239 -3.17 20.73 -5.57
C ILE B 239 -3.26 20.19 -6.99
N THR B 240 -2.18 19.55 -7.48
CA THR B 240 -2.16 19.12 -8.87
C THR B 240 -3.11 17.96 -9.13
N ASN B 241 -3.33 17.09 -8.14
CA ASN B 241 -4.37 16.08 -8.26
C ASN B 241 -5.74 16.71 -8.39
N LEU B 242 -5.98 17.81 -7.67
CA LEU B 242 -7.28 18.45 -7.77
C LEU B 242 -7.50 19.12 -9.14
N ILE B 243 -6.45 19.61 -9.80
CA ILE B 243 -6.68 20.00 -11.19
C ILE B 243 -6.95 18.77 -12.05
N SER B 244 -6.31 17.64 -11.75
CA SER B 244 -6.61 16.40 -12.46
C SER B 244 -8.12 16.12 -12.43
N ILE B 245 -8.69 16.08 -11.23
CA ILE B 245 -10.10 15.78 -11.07
C ILE B 245 -10.96 16.82 -11.79
N TYR B 246 -10.54 18.09 -11.70
CA TYR B 246 -11.27 19.17 -12.36
C TYR B 246 -11.34 18.94 -13.87
N ALA B 247 -10.21 18.57 -14.47
CA ALA B 247 -10.17 18.30 -15.91
C ALA B 247 -11.02 17.10 -16.28
N GLY B 248 -10.98 16.04 -15.47
CA GLY B 248 -11.75 14.85 -15.79
C GLY B 248 -13.24 15.12 -15.94
N LEU B 249 -13.80 15.96 -15.06
CA LEU B 249 -15.24 16.12 -15.01
C LEU B 249 -15.78 17.25 -15.87
N THR B 250 -14.92 18.12 -16.41
CA THR B 250 -15.35 19.19 -17.30
C THR B 250 -14.70 19.14 -18.67
N ASP B 251 -13.63 18.37 -18.83
CA ASP B 251 -12.86 18.17 -20.06
C ASP B 251 -12.02 19.39 -20.43
N MET B 252 -12.04 20.45 -19.62
CA MET B 252 -11.17 21.58 -19.90
C MET B 252 -9.71 21.13 -19.82
N PRO B 253 -8.86 21.63 -20.71
CA PRO B 253 -7.45 21.22 -20.67
C PRO B 253 -6.77 21.82 -19.45
N ILE B 254 -5.71 21.13 -19.00
CA ILE B 254 -5.01 21.56 -17.79
C ILE B 254 -4.43 22.96 -17.97
N LYS B 255 -3.81 23.22 -19.12
CA LYS B 255 -3.26 24.56 -19.37
C LYS B 255 -4.35 25.63 -19.33
N ASP B 256 -5.60 25.26 -19.61
CA ASP B 256 -6.72 26.20 -19.57
C ASP B 256 -7.31 26.33 -18.17
N ILE B 257 -7.29 25.26 -17.36
CA ILE B 257 -7.78 25.40 -15.99
C ILE B 257 -6.93 26.42 -15.24
N GLU B 258 -5.61 26.34 -15.41
CA GLU B 258 -4.72 27.37 -14.87
C GLU B 258 -5.15 28.76 -15.31
N ALA B 259 -5.58 28.88 -16.58
CA ALA B 259 -5.99 30.16 -17.11
C ALA B 259 -7.18 30.74 -16.36
N LYS B 260 -8.25 29.95 -16.22
CA LYS B 260 -9.48 30.43 -15.58
C LYS B 260 -9.23 31.01 -14.20
N TYR B 261 -8.26 30.44 -13.48
CA TYR B 261 -7.96 30.81 -12.09
C TYR B 261 -6.58 31.46 -11.96
N GLU B 262 -6.24 32.32 -12.93
CA GLU B 262 -5.09 33.23 -12.82
C GLU B 262 -5.63 34.55 -12.30
N GLY B 263 -5.60 34.70 -10.98
CA GLY B 263 -6.24 35.83 -10.32
C GLY B 263 -6.95 35.41 -9.04
N GLU B 264 -7.07 34.10 -8.84
CA GLU B 264 -7.73 33.53 -7.67
C GLU B 264 -6.80 32.52 -6.99
N GLY B 265 -7.15 32.16 -5.76
CA GLY B 265 -6.40 31.20 -4.98
C GLY B 265 -7.23 29.98 -4.60
N TYR B 266 -6.58 29.05 -3.88
CA TYR B 266 -7.11 27.73 -3.57
C TYR B 266 -8.58 27.75 -3.16
N GLY B 267 -9.00 28.79 -2.43
CA GLY B 267 -10.36 28.82 -1.92
C GLY B 267 -11.43 28.87 -2.99
N LYS B 268 -11.30 29.78 -3.96
CA LYS B 268 -12.28 29.82 -5.04
C LYS B 268 -12.17 28.60 -5.93
N PHE B 269 -10.95 28.08 -6.09
CA PHE B 269 -10.75 26.83 -6.81
C PHE B 269 -11.54 25.71 -6.15
N LYS B 270 -11.16 25.36 -4.91
CA LYS B 270 -11.78 24.23 -4.23
C LYS B 270 -13.29 24.39 -4.12
N GLY B 271 -13.77 25.61 -3.86
CA GLY B 271 -15.20 25.84 -3.83
C GLY B 271 -15.88 25.56 -5.15
N ASP B 272 -15.27 25.97 -6.25
CA ASP B 272 -15.83 25.66 -7.57
C ASP B 272 -15.70 24.17 -7.87
N LEU B 273 -14.59 23.55 -7.43
CA LEU B 273 -14.41 22.13 -7.70
C LEU B 273 -15.41 21.29 -6.92
N ALA B 274 -15.60 21.61 -5.63
CA ALA B 274 -16.63 20.94 -4.85
C ALA B 274 -18.00 21.14 -5.48
N GLU B 275 -18.26 22.32 -6.03
CA GLU B 275 -19.53 22.55 -6.72
C GLU B 275 -19.65 21.72 -7.99
N ILE B 276 -18.55 21.60 -8.74
CA ILE B 276 -18.55 20.78 -9.96
C ILE B 276 -18.80 19.31 -9.62
N VAL B 277 -18.03 18.77 -8.66
CA VAL B 277 -18.17 17.38 -8.27
C VAL B 277 -19.58 17.12 -7.77
N LYS B 278 -20.15 18.08 -7.05
CA LYS B 278 -21.52 17.93 -6.57
C LYS B 278 -22.52 17.89 -7.71
N ALA B 279 -22.33 18.74 -8.73
CA ALA B 279 -23.23 18.71 -9.88
C ALA B 279 -23.10 17.41 -10.66
N PHE B 280 -21.86 16.94 -10.86
CA PHE B 280 -21.66 15.71 -11.62
C PHE B 280 -22.34 14.55 -10.92
N LEU B 281 -22.12 14.43 -9.61
CA LEU B 281 -22.73 13.34 -8.87
C LEU B 281 -24.25 13.40 -8.93
N VAL B 282 -24.83 14.60 -8.82
CA VAL B 282 -26.29 14.69 -8.88
C VAL B 282 -26.81 14.27 -10.26
N GLU B 283 -26.16 14.74 -11.33
CA GLU B 283 -26.55 14.30 -12.67
C GLU B 283 -26.39 12.80 -12.82
N PHE B 284 -25.24 12.27 -12.41
CA PHE B 284 -24.96 10.86 -12.56
C PHE B 284 -25.94 10.02 -11.75
N GLN B 285 -26.14 10.38 -10.49
CA GLN B 285 -27.03 9.60 -9.63
C GLN B 285 -28.47 9.64 -10.15
N GLU B 286 -28.84 10.69 -10.88
CA GLU B 286 -30.14 10.71 -11.54
C GLU B 286 -30.25 9.56 -12.53
N LYS B 287 -29.28 9.45 -13.45
CA LYS B 287 -29.28 8.36 -14.42
C LYS B 287 -29.18 7.01 -13.71
N TYR B 288 -28.34 6.92 -12.67
CA TYR B 288 -28.17 5.66 -11.95
C TYR B 288 -29.48 5.21 -11.32
N GLU B 289 -30.15 6.11 -10.61
CA GLU B 289 -31.40 5.74 -9.96
C GLU B 289 -32.44 5.32 -10.99
N SER B 290 -32.41 5.93 -12.17
CA SER B 290 -33.36 5.55 -13.21
C SER B 290 -33.15 4.10 -13.63
N PHE B 291 -31.90 3.70 -13.86
CA PHE B 291 -31.61 2.32 -14.24
C PHE B 291 -31.84 1.36 -13.08
N TYR B 292 -31.29 1.67 -11.90
CA TYR B 292 -31.35 0.72 -10.79
C TYR B 292 -32.78 0.37 -10.41
N ASN B 293 -33.71 1.31 -10.58
CA ASN B 293 -35.10 1.08 -10.24
C ASN B 293 -35.98 0.79 -11.44
N SER B 294 -35.43 0.79 -12.65
CA SER B 294 -36.25 0.53 -13.83
C SER B 294 -36.52 -0.95 -13.99
N ASP B 295 -37.68 -1.27 -14.56
CA ASP B 295 -37.97 -2.65 -14.95
C ASP B 295 -37.21 -3.06 -16.20
N LYS B 296 -36.70 -2.10 -16.98
CA LYS B 296 -35.89 -2.41 -18.14
C LYS B 296 -34.51 -2.94 -17.77
N LEU B 297 -34.05 -2.72 -16.53
CA LEU B 297 -32.72 -3.19 -16.17
C LEU B 297 -32.59 -4.71 -16.33
N ASP B 298 -33.61 -5.45 -15.89
CA ASP B 298 -33.58 -6.91 -16.07
C ASP B 298 -33.63 -7.29 -17.53
N ASP B 299 -34.25 -6.45 -18.36
CA ASP B 299 -34.28 -6.71 -19.79
C ASP B 299 -32.91 -6.52 -20.42
N ILE B 300 -32.21 -5.42 -20.07
CA ILE B 300 -30.89 -5.15 -20.64
C ILE B 300 -29.93 -6.29 -20.31
N LEU B 301 -29.97 -6.77 -19.06
CA LEU B 301 -29.07 -7.87 -18.66
C LEU B 301 -29.47 -9.20 -19.32
N ASP B 302 -30.76 -9.40 -19.65
CA ASP B 302 -31.12 -10.55 -20.49
C ASP B 302 -30.46 -10.43 -21.86
N GLN B 303 -30.49 -9.23 -22.44
CA GLN B 303 -29.90 -9.03 -23.77
C GLN B 303 -28.40 -9.34 -23.75
N GLY B 304 -27.69 -8.82 -22.75
CA GLY B 304 -26.26 -9.10 -22.66
C GLY B 304 -25.96 -10.55 -22.39
N ARG B 305 -26.73 -11.18 -21.50
CA ARG B 305 -26.52 -12.59 -21.21
C ARG B 305 -26.69 -13.43 -22.46
N ASP B 306 -27.70 -13.10 -23.26
CA ASP B 306 -27.93 -13.85 -24.48
C ASP B 306 -26.83 -13.60 -25.49
N LYS B 307 -26.34 -12.35 -25.57
CA LYS B 307 -25.23 -12.02 -26.43
C LYS B 307 -24.00 -12.84 -26.09
N ALA B 308 -23.56 -12.77 -24.82
CA ALA B 308 -22.34 -13.45 -24.41
C ALA B 308 -22.48 -14.96 -24.57
N HIS B 309 -23.64 -15.50 -24.22
CA HIS B 309 -23.87 -16.92 -24.34
C HIS B 309 -23.67 -17.39 -25.78
N LYS B 310 -24.17 -16.64 -26.75
CA LYS B 310 -24.04 -17.06 -28.14
C LYS B 310 -22.58 -17.16 -28.54
N VAL B 311 -21.76 -16.18 -28.13
CA VAL B 311 -20.34 -16.16 -28.53
C VAL B 311 -19.53 -17.22 -27.79
N SER B 312 -19.69 -17.30 -26.47
CA SER B 312 -18.88 -18.24 -25.70
C SER B 312 -19.36 -19.69 -25.85
N PHE B 313 -20.62 -19.92 -26.26
CA PHE B 313 -21.05 -21.29 -26.54
C PHE B 313 -20.20 -21.90 -27.63
N LYS B 314 -20.03 -21.18 -28.74
CA LYS B 314 -19.20 -21.64 -29.85
C LYS B 314 -17.80 -22.01 -29.37
N THR B 315 -17.22 -21.16 -28.51
CA THR B 315 -15.86 -21.41 -28.05
C THR B 315 -15.78 -22.66 -27.18
N VAL B 316 -16.71 -22.80 -26.23
CA VAL B 316 -16.72 -23.97 -25.34
C VAL B 316 -16.84 -25.24 -26.16
N LYS B 317 -17.67 -25.20 -27.20
CA LYS B 317 -17.88 -26.39 -28.02
C LYS B 317 -16.58 -26.78 -28.72
N LYS B 318 -15.85 -25.79 -29.23
CA LYS B 318 -14.56 -26.08 -29.86
C LYS B 318 -13.57 -26.67 -28.85
N MET B 319 -13.54 -26.14 -27.63
CA MET B 319 -12.67 -26.75 -26.61
C MET B 319 -13.11 -28.18 -26.28
N GLU B 320 -14.40 -28.37 -26.04
CA GLU B 320 -14.90 -29.72 -25.70
C GLU B 320 -14.48 -30.71 -26.80
N LYS B 321 -14.77 -30.38 -28.06
CA LYS B 321 -14.36 -31.25 -29.16
C LYS B 321 -12.87 -31.53 -29.13
N ALA B 322 -12.05 -30.51 -28.83
CA ALA B 322 -10.61 -30.72 -28.88
C ALA B 322 -10.15 -31.66 -27.76
N MET B 323 -10.78 -31.58 -26.59
CA MET B 323 -10.42 -32.44 -25.48
C MET B 323 -11.08 -33.81 -25.52
N GLY B 324 -12.11 -34.00 -26.34
CA GLY B 324 -12.83 -35.26 -26.37
C GLY B 324 -14.00 -35.38 -25.41
N LEU B 325 -14.42 -34.31 -24.77
CA LEU B 325 -15.59 -34.39 -23.92
C LEU B 325 -16.84 -34.64 -24.77
N GLY B 326 -17.92 -35.08 -24.09
CA GLY B 326 -19.21 -35.22 -24.74
C GLY B 326 -19.18 -36.21 -25.87
N ARG B 327 -19.92 -35.89 -26.94
CA ARG B 327 -20.13 -36.81 -28.05
C ARG B 327 -20.04 -36.05 -29.35
N LYS B 328 -19.70 -36.77 -30.42
CA LYS B 328 -19.74 -36.17 -31.75
C LYS B 328 -21.18 -35.86 -32.11
N ARG B 329 -21.41 -34.65 -32.59
CA ARG B 329 -22.77 -34.25 -32.98
C ARG B 329 -22.71 -33.30 -34.18
N MET C 1 -13.09 19.32 42.47
CA MET C 1 -11.94 18.57 41.99
C MET C 1 -12.45 17.35 41.25
N GLU C 2 -12.12 17.25 39.96
CA GLU C 2 -12.53 16.09 39.18
C GLU C 2 -11.76 14.84 39.60
N THR C 3 -12.31 13.68 39.27
CA THR C 3 -11.72 12.41 39.62
C THR C 3 -11.27 11.71 38.35
N LEU C 4 -10.04 11.18 38.40
CA LEU C 4 -9.45 10.44 37.30
C LEU C 4 -9.23 8.99 37.73
N PHE C 5 -9.54 8.06 36.84
CA PHE C 5 -9.30 6.65 37.08
C PHE C 5 -8.51 6.07 35.92
N SER C 6 -7.37 5.48 36.22
CA SER C 6 -6.59 4.76 35.22
C SER C 6 -6.42 3.30 35.63
N GLY C 7 -6.77 2.39 34.73
CA GLY C 7 -6.60 0.97 34.97
C GLY C 7 -5.34 0.46 34.30
N ILE C 8 -4.47 -0.16 35.10
CA ILE C 8 -3.13 -0.52 34.67
C ILE C 8 -3.05 -2.03 34.54
N GLN C 9 -2.90 -2.54 33.31
CA GLN C 9 -2.72 -3.98 33.08
C GLN C 9 -1.38 -4.46 33.65
N PRO C 10 -1.37 -5.48 34.50
CA PRO C 10 -0.10 -5.94 35.08
C PRO C 10 0.92 -6.35 34.06
N SER C 11 0.51 -6.84 32.90
CA SER C 11 1.46 -7.28 31.90
C SER C 11 1.98 -6.15 31.03
N GLY C 12 1.41 -4.96 31.14
CA GLY C 12 1.80 -3.88 30.26
C GLY C 12 2.90 -2.96 30.77
N ILE C 13 4.13 -3.21 30.36
CA ILE C 13 5.25 -2.37 30.76
C ILE C 13 5.17 -1.10 29.94
N PRO C 14 5.01 0.07 30.57
CA PRO C 14 4.94 1.31 29.80
C PRO C 14 6.23 1.56 29.03
N THR C 15 6.06 2.31 27.94
CA THR C 15 7.19 2.66 27.09
C THR C 15 7.56 4.09 27.31
N ILE C 16 8.63 4.51 26.66
CA ILE C 16 9.07 5.89 26.72
C ILE C 16 8.01 6.80 26.12
N GLY C 17 7.26 6.29 25.14
CA GLY C 17 6.10 7.02 24.63
C GLY C 17 5.00 7.13 25.66
N ASN C 18 4.75 6.06 26.41
CA ASN C 18 3.72 6.11 27.49
C ASN C 18 4.18 7.11 28.55
N TYR C 19 5.46 7.08 28.91
CA TYR C 19 5.97 8.00 29.91
C TYR C 19 5.75 9.44 29.46
N ILE C 20 6.13 9.76 28.23
CA ILE C 20 6.04 11.13 27.76
C ILE C 20 4.59 11.56 27.60
N GLY C 21 3.75 10.69 27.07
CA GLY C 21 2.36 11.08 26.81
C GLY C 21 1.52 11.18 28.07
N ALA C 22 1.65 10.20 28.96
CA ALA C 22 0.74 10.12 30.10
C ALA C 22 1.43 10.20 31.45
N LEU C 23 2.41 9.33 31.72
CA LEU C 23 2.94 9.19 33.07
C LEU C 23 3.58 10.48 33.56
N LYS C 24 4.35 11.16 32.70
CA LYS C 24 5.00 12.42 33.08
C LYS C 24 3.95 13.46 33.44
N GLN C 25 2.91 13.57 32.61
CA GLN C 25 1.87 14.56 32.87
C GLN C 25 1.10 14.22 34.15
N PHE C 26 0.85 12.93 34.42
CA PHE C 26 0.21 12.56 35.69
C PHE C 26 1.02 13.05 36.89
N VAL C 27 2.35 13.06 36.80
CA VAL C 27 3.12 13.65 37.90
C VAL C 27 2.72 15.11 38.12
N ASP C 28 2.28 15.80 37.06
CA ASP C 28 1.78 17.17 37.21
C ASP C 28 0.33 17.17 37.69
N VAL C 29 -0.57 16.49 36.96
CA VAL C 29 -2.01 16.60 37.21
C VAL C 29 -2.46 15.93 38.50
N GLN C 30 -1.60 15.14 39.15
CA GLN C 30 -2.01 14.53 40.41
C GLN C 30 -2.26 15.57 41.50
N ASN C 31 -1.72 16.78 41.36
CA ASN C 31 -1.98 17.84 42.33
C ASN C 31 -3.36 18.45 42.14
N ASP C 32 -3.88 18.46 40.90
CA ASP C 32 -5.14 19.12 40.57
C ASP C 32 -6.32 18.17 40.44
N TYR C 33 -6.07 16.87 40.28
CA TYR C 33 -7.11 15.89 40.03
C TYR C 33 -7.04 14.77 41.07
N ASP C 34 -8.22 14.28 41.47
CA ASP C 34 -8.28 13.09 42.38
C ASP C 34 -7.92 11.93 41.46
N CYS C 35 -6.86 11.20 41.76
CA CYS C 35 -6.31 10.26 40.80
C CYS C 35 -6.18 8.85 41.36
N TYR C 36 -6.80 7.91 40.64
CA TYR C 36 -6.77 6.48 41.04
C TYR C 36 -6.00 5.70 40.00
N PHE C 37 -5.03 4.91 40.44
CA PHE C 37 -4.19 4.10 39.57
C PHE C 37 -4.29 2.66 40.05
N CYS C 38 -5.04 1.86 39.30
CA CYS C 38 -5.52 0.58 39.78
C CYS C 38 -4.89 -0.52 38.94
N ILE C 39 -4.06 -1.35 39.57
CA ILE C 39 -3.44 -2.47 38.89
C ILE C 39 -4.46 -3.60 38.84
N VAL C 40 -4.96 -3.91 37.64
CA VAL C 40 -6.14 -4.78 37.49
C VAL C 40 -5.64 -6.22 37.33
N ASP C 41 -5.24 -6.82 38.45
CA ASP C 41 -4.85 -8.22 38.41
C ASP C 41 -6.05 -9.15 38.17
N GLN C 42 -7.27 -8.73 38.55
CA GLN C 42 -8.45 -9.56 38.33
C GLN C 42 -8.90 -9.54 36.86
N HIS C 43 -8.55 -8.50 36.10
CA HIS C 43 -8.71 -8.54 34.64
C HIS C 43 -7.60 -9.37 34.01
N ALA C 44 -6.46 -9.49 34.66
CA ALA C 44 -5.35 -10.22 34.01
C ALA C 44 -5.68 -11.71 33.91
N ILE C 45 -6.57 -12.20 34.78
CA ILE C 45 -6.85 -13.65 34.82
C ILE C 45 -7.98 -14.03 33.82
N THR C 46 -8.42 -13.10 32.97
CA THR C 46 -9.38 -13.47 31.90
C THR C 46 -8.65 -14.45 31.02
N MET C 47 -7.32 -14.38 31.00
CA MET C 47 -6.46 -15.32 30.33
C MET C 47 -5.69 -16.09 31.40
N PRO C 48 -5.46 -17.40 31.23
CA PRO C 48 -4.65 -18.12 32.23
C PRO C 48 -3.28 -17.48 32.39
N GLN C 49 -2.84 -17.38 33.64
CA GLN C 49 -1.61 -16.71 34.03
C GLN C 49 -0.79 -17.64 34.91
N ASP C 50 0.51 -17.69 34.66
CA ASP C 50 1.40 -18.35 35.62
C ASP C 50 1.41 -17.53 36.90
N ARG C 51 1.29 -18.21 38.05
CA ARG C 51 1.08 -17.45 39.29
C ARG C 51 2.30 -16.58 39.63
N LEU C 52 3.52 -17.11 39.42
CA LEU C 52 4.70 -16.35 39.78
C LEU C 52 4.90 -15.15 38.87
N LYS C 53 4.65 -15.32 37.57
CA LYS C 53 4.78 -14.22 36.63
C LYS C 53 3.77 -13.10 36.94
N LEU C 54 2.53 -13.48 37.28
CA LEU C 54 1.53 -12.46 37.57
C LEU C 54 1.89 -11.65 38.80
N ARG C 55 2.32 -12.33 39.87
CA ARG C 55 2.74 -11.58 41.06
C ARG C 55 3.94 -10.69 40.76
N LYS C 56 4.88 -11.20 39.97
CA LYS C 56 6.03 -10.41 39.58
C LYS C 56 5.59 -9.17 38.80
N GLN C 57 4.70 -9.34 37.82
CA GLN C 57 4.28 -8.23 36.98
C GLN C 57 3.57 -7.16 37.80
N THR C 58 2.74 -7.60 38.74
CA THR C 58 1.98 -6.66 39.55
C THR C 58 2.91 -5.79 40.39
N ARG C 59 3.99 -6.37 40.90
CA ARG C 59 4.96 -5.58 41.68
C ARG C 59 5.76 -4.68 40.71
N GLN C 60 6.09 -5.17 39.52
CA GLN C 60 6.84 -4.34 38.57
C GLN C 60 6.06 -3.08 38.23
N LEU C 61 4.78 -3.23 37.88
CA LEU C 61 4.00 -2.07 37.45
C LEU C 61 3.90 -1.03 38.56
N ALA C 62 3.74 -1.48 39.80
CA ALA C 62 3.68 -0.52 40.90
C ALA C 62 4.98 0.26 41.00
N ALA C 63 6.11 -0.46 41.06
CA ALA C 63 7.42 0.16 41.07
C ALA C 63 7.60 1.10 39.89
N ILE C 64 7.00 0.78 38.74
CA ILE C 64 7.17 1.66 37.58
C ILE C 64 6.43 2.97 37.79
N TYR C 65 5.19 2.93 38.26
CA TYR C 65 4.45 4.16 38.49
C TYR C 65 5.11 5.03 39.57
N LEU C 66 5.73 4.41 40.57
CA LEU C 66 6.37 5.14 41.65
C LEU C 66 7.71 5.73 41.22
N ALA C 67 8.47 5.01 40.40
CA ALA C 67 9.68 5.60 39.83
C ALA C 67 9.32 6.71 38.86
N SER C 68 8.11 6.70 38.30
CA SER C 68 7.71 7.78 37.43
C SER C 68 7.41 9.06 38.17
N GLY C 69 7.31 9.03 39.49
CA GLY C 69 6.90 10.21 40.23
C GLY C 69 5.45 10.23 40.65
N ILE C 70 4.75 9.09 40.62
CA ILE C 70 3.42 9.04 41.22
C ILE C 70 3.58 9.11 42.73
N ASP C 71 2.90 10.06 43.35
CA ASP C 71 3.07 10.26 44.79
C ASP C 71 1.92 9.59 45.51
N PRO C 72 2.17 8.58 46.36
CA PRO C 72 1.07 7.84 47.00
C PRO C 72 0.24 8.69 47.97
N ASP C 73 0.73 9.86 48.39
CA ASP C 73 -0.11 10.76 49.18
C ASP C 73 -1.05 11.58 48.32
N LYS C 74 -0.66 11.88 47.09
CA LYS C 74 -1.53 12.65 46.21
C LYS C 74 -2.44 11.76 45.38
N ALA C 75 -1.90 10.63 44.96
CA ALA C 75 -2.60 9.71 44.09
C ALA C 75 -2.89 8.44 44.88
N THR C 76 -3.95 7.75 44.50
CA THR C 76 -4.28 6.45 45.09
C THR C 76 -3.79 5.37 44.15
N LEU C 77 -2.78 4.62 44.60
CA LEU C 77 -2.18 3.55 43.80
C LEU C 77 -2.44 2.21 44.47
N PHE C 78 -3.18 1.32 43.81
CA PHE C 78 -3.60 0.08 44.47
C PHE C 78 -3.82 -1.07 43.49
N ILE C 79 -3.89 -2.27 44.06
CA ILE C 79 -4.10 -3.51 43.33
C ILE C 79 -5.58 -3.89 43.43
N GLN C 80 -6.25 -4.12 42.30
CA GLN C 80 -7.71 -4.38 42.26
C GLN C 80 -8.17 -5.47 43.25
N SER C 81 -7.61 -6.68 43.16
CA SER C 81 -8.03 -7.83 44.01
C SER C 81 -8.05 -7.46 45.49
N GLU C 82 -7.34 -6.41 45.89
CA GLU C 82 -7.25 -6.07 47.32
C GLU C 82 -8.43 -5.19 47.71
N VAL C 83 -9.25 -4.78 46.75
CA VAL C 83 -10.42 -3.99 47.09
C VAL C 83 -11.67 -4.76 46.68
N PRO C 84 -12.39 -5.34 47.65
CA PRO C 84 -13.52 -6.22 47.32
C PRO C 84 -14.60 -5.56 46.50
N ALA C 85 -14.73 -4.24 46.60
CA ALA C 85 -15.84 -3.54 45.97
C ALA C 85 -15.83 -3.74 44.47
N HIS C 86 -14.69 -4.08 43.89
CA HIS C 86 -14.65 -4.20 42.44
C HIS C 86 -15.50 -5.37 41.99
N VAL C 87 -15.24 -6.57 42.50
CA VAL C 87 -16.10 -7.66 42.06
C VAL C 87 -17.52 -7.50 42.60
N GLN C 88 -17.69 -6.91 43.79
CA GLN C 88 -19.04 -6.66 44.32
C GLN C 88 -19.89 -5.85 43.35
N ALA C 89 -19.39 -4.69 42.93
CA ALA C 89 -20.15 -3.81 42.05
C ALA C 89 -20.20 -4.34 40.62
N GLY C 90 -19.17 -5.07 40.20
CA GLY C 90 -19.21 -5.71 38.89
C GLY C 90 -20.33 -6.74 38.78
N TRP C 91 -20.62 -7.44 39.88
CA TRP C 91 -21.71 -8.41 39.83
C TRP C 91 -23.06 -7.72 39.64
N MET C 92 -23.34 -6.67 40.45
CA MET C 92 -24.59 -5.93 40.28
C MET C 92 -24.71 -5.36 38.87
N LEU C 93 -23.62 -4.85 38.32
CA LEU C 93 -23.67 -4.32 36.95
C LEU C 93 -23.86 -5.44 35.93
N THR C 94 -23.23 -6.60 36.16
CA THR C 94 -23.45 -7.75 35.28
C THR C 94 -24.94 -8.08 35.17
N THR C 95 -25.68 -8.02 36.30
CA THR C 95 -27.08 -8.43 36.22
C THR C 95 -27.93 -7.52 35.37
N ILE C 96 -27.52 -6.25 35.17
CA ILE C 96 -28.31 -5.35 34.33
C ILE C 96 -27.77 -5.25 32.91
N ALA C 97 -26.64 -5.86 32.61
CA ALA C 97 -26.19 -5.96 31.23
C ALA C 97 -26.95 -7.09 30.53
N SER C 98 -26.78 -7.19 29.21
CA SER C 98 -27.36 -8.32 28.49
C SER C 98 -26.27 -9.08 27.73
N VAL C 99 -26.52 -10.38 27.49
CA VAL C 99 -25.52 -11.21 26.81
C VAL C 99 -25.20 -10.62 25.43
N GLY C 100 -26.19 -10.01 24.78
CA GLY C 100 -25.94 -9.43 23.47
C GLY C 100 -24.88 -8.36 23.50
N GLU C 101 -24.99 -7.41 24.45
CA GLU C 101 -24.01 -6.33 24.54
C GLU C 101 -22.61 -6.86 24.79
N LEU C 102 -22.48 -7.88 25.66
CA LEU C 102 -21.17 -8.44 25.93
C LEU C 102 -20.66 -9.24 24.75
N GLU C 103 -21.55 -9.90 24.01
CA GLU C 103 -21.14 -10.60 22.81
C GLU C 103 -20.63 -9.63 21.75
N ARG C 104 -21.26 -8.46 21.65
CA ARG C 104 -20.92 -7.52 20.59
C ARG C 104 -19.59 -6.83 20.84
N MET C 105 -19.19 -6.68 22.10
CA MET C 105 -17.88 -6.12 22.40
C MET C 105 -16.77 -6.92 21.71
N THR C 106 -16.78 -8.24 21.88
CA THR C 106 -15.73 -9.14 21.39
C THR C 106 -16.09 -9.92 20.11
N GLU C 117 -10.77 -27.53 26.07
CA GLU C 117 -11.08 -26.19 26.56
C GLU C 117 -11.45 -25.22 25.42
N GLY C 118 -12.55 -24.51 25.59
CA GLY C 118 -12.99 -23.47 24.69
C GLY C 118 -12.60 -22.10 25.19
N ILE C 119 -13.50 -21.14 25.00
CA ILE C 119 -13.24 -19.74 25.29
C ILE C 119 -13.42 -19.43 26.77
N PRO C 120 -12.37 -19.04 27.51
CA PRO C 120 -12.53 -18.71 28.93
C PRO C 120 -13.54 -17.59 29.13
N ALA C 121 -14.53 -17.84 29.99
CA ALA C 121 -15.70 -16.97 30.09
C ALA C 121 -15.34 -15.55 30.53
N GLY C 122 -14.21 -15.36 31.21
CA GLY C 122 -13.82 -14.01 31.60
C GLY C 122 -13.67 -13.09 30.41
N LEU C 123 -13.20 -13.64 29.28
CA LEU C 123 -13.10 -12.88 28.05
C LEU C 123 -14.43 -12.27 27.64
N LEU C 124 -15.54 -12.89 28.01
CA LEU C 124 -16.86 -12.40 27.64
C LEU C 124 -17.49 -11.55 28.72
N THR C 125 -17.24 -11.86 29.99
CA THR C 125 -17.97 -11.27 31.10
C THR C 125 -17.24 -10.12 31.78
N TYR C 126 -16.03 -9.79 31.35
CA TYR C 126 -15.29 -8.74 32.05
C TYR C 126 -15.83 -7.31 31.92
N PRO C 127 -16.54 -6.91 30.84
CA PRO C 127 -16.87 -5.48 30.69
C PRO C 127 -17.61 -4.87 31.88
N PRO C 128 -18.57 -5.57 32.49
CA PRO C 128 -19.19 -4.98 33.70
C PRO C 128 -18.20 -4.80 34.83
N LEU C 129 -17.21 -5.67 34.95
CA LEU C 129 -16.21 -5.48 35.98
C LEU C 129 -15.34 -4.27 35.68
N MET C 130 -15.06 -4.03 34.39
CA MET C 130 -14.34 -2.82 34.03
C MET C 130 -15.17 -1.59 34.34
N ALA C 131 -16.46 -1.64 34.02
CA ALA C 131 -17.34 -0.51 34.32
C ALA C 131 -17.37 -0.26 35.80
N ALA C 132 -17.40 -1.33 36.60
CA ALA C 132 -17.38 -1.19 38.04
C ALA C 132 -16.11 -0.50 38.50
N ASP C 133 -14.97 -0.86 37.88
CA ASP C 133 -13.69 -0.27 38.25
C ASP C 133 -13.81 1.25 38.27
N ILE C 134 -14.37 1.82 37.20
CA ILE C 134 -14.42 3.26 37.03
C ILE C 134 -15.39 3.90 38.00
N VAL C 135 -16.67 3.50 37.95
CA VAL C 135 -17.72 4.19 38.69
C VAL C 135 -17.63 4.06 40.21
N LEU C 136 -16.82 3.13 40.72
CA LEU C 136 -16.72 3.02 42.17
C LEU C 136 -16.20 4.29 42.81
N TYR C 137 -15.43 5.07 42.05
CA TYR C 137 -14.76 6.27 42.56
C TYR C 137 -15.39 7.55 42.02
N ASN C 138 -16.60 7.47 41.47
CA ASN C 138 -17.31 8.61 40.90
C ASN C 138 -16.41 9.34 39.90
N THR C 139 -15.78 8.53 39.06
CA THR C 139 -14.81 9.03 38.10
C THR C 139 -15.46 9.96 37.10
N ASN C 140 -14.72 10.99 36.69
CA ASN C 140 -15.25 11.86 35.60
C ASN C 140 -14.45 11.60 34.33
N ILE C 141 -13.14 11.37 34.46
CA ILE C 141 -12.31 11.23 33.26
C ILE C 141 -11.50 9.93 33.34
N VAL C 142 -11.45 9.22 32.22
CA VAL C 142 -10.57 8.07 32.07
C VAL C 142 -9.62 8.37 30.92
N PRO C 143 -8.32 8.47 31.18
CA PRO C 143 -7.35 8.75 30.09
C PRO C 143 -7.04 7.53 29.23
N VAL C 144 -7.85 7.25 28.21
CA VAL C 144 -7.69 6.06 27.39
C VAL C 144 -7.74 6.43 25.91
N GLY C 145 -7.30 5.50 25.06
CA GLY C 145 -7.29 5.68 23.63
C GLY C 145 -8.59 5.29 22.96
N ASP C 146 -8.57 5.31 21.63
CA ASP C 146 -9.75 4.95 20.85
C ASP C 146 -10.08 3.47 20.97
N ASP C 147 -9.11 2.64 21.35
CA ASP C 147 -9.39 1.20 21.55
C ASP C 147 -10.43 1.02 22.66
N GLN C 148 -10.60 2.01 23.51
CA GLN C 148 -11.50 1.93 24.66
C GLN C 148 -12.77 2.75 24.45
N LYS C 149 -13.08 3.11 23.20
CA LYS C 149 -14.28 3.88 22.89
C LYS C 149 -15.55 3.13 23.29
N GLN C 150 -15.82 1.99 22.64
CA GLN C 150 -17.05 1.25 22.97
C GLN C 150 -17.00 0.68 24.37
N HIS C 151 -15.79 0.54 24.93
CA HIS C 151 -15.65 0.09 26.30
C HIS C 151 -16.22 1.11 27.29
N ILE C 152 -15.79 2.37 27.17
CA ILE C 152 -16.36 3.41 28.01
C ILE C 152 -17.80 3.65 27.63
N GLU C 153 -18.14 3.44 26.36
CA GLU C 153 -19.52 3.63 25.94
C GLU C 153 -20.45 2.68 26.68
N LEU C 154 -20.03 1.41 26.83
CA LEU C 154 -20.82 0.48 27.63
C LEU C 154 -20.90 0.92 29.08
N THR C 155 -19.79 1.41 29.64
CA THR C 155 -19.84 1.90 31.02
C THR C 155 -20.85 3.02 31.17
N ARG C 156 -20.90 3.94 30.20
CA ARG C 156 -21.88 5.01 30.24
C ARG C 156 -23.30 4.45 30.13
N ASN C 157 -23.51 3.50 29.22
CA ASN C 157 -24.83 2.93 29.03
C ASN C 157 -25.30 2.16 30.26
N LEU C 158 -24.37 1.47 30.94
CA LEU C 158 -24.76 0.80 32.18
C LEU C 158 -25.07 1.80 33.27
N VAL C 159 -24.39 2.95 33.26
CA VAL C 159 -24.66 3.98 34.27
C VAL C 159 -26.01 4.62 34.01
N ASP C 160 -26.34 4.88 32.75
CA ASP C 160 -27.67 5.39 32.45
C ASP C 160 -28.75 4.37 32.78
N ARG C 161 -28.53 3.10 32.39
CA ARG C 161 -29.48 2.04 32.73
C ARG C 161 -29.64 1.90 34.24
N PHE C 162 -28.53 1.99 34.97
CA PHE C 162 -28.62 1.89 36.42
C PHE C 162 -29.43 3.03 37.00
N ASN C 163 -29.08 4.27 36.64
CA ASN C 163 -29.71 5.45 37.25
C ASN C 163 -31.22 5.48 36.99
N SER C 164 -31.65 5.06 35.80
CA SER C 164 -33.06 5.03 35.46
C SER C 164 -33.84 4.11 36.40
N ARG C 165 -33.41 2.86 36.51
CA ARG C 165 -34.24 1.86 37.16
C ARG C 165 -34.26 2.04 38.68
N TYR C 166 -33.09 2.13 39.29
CA TYR C 166 -33.06 2.07 40.74
C TYR C 166 -33.05 3.47 41.33
N ASN C 167 -31.98 4.23 41.09
CA ASN C 167 -31.93 5.68 41.31
C ASN C 167 -30.53 6.20 40.96
N ASP C 168 -30.35 7.53 41.04
CA ASP C 168 -29.13 8.20 40.56
C ASP C 168 -28.05 8.16 41.63
N VAL C 169 -27.06 7.29 41.46
CA VAL C 169 -25.97 7.12 42.42
C VAL C 169 -24.59 7.05 41.75
N LEU C 170 -24.51 6.84 40.42
CA LEU C 170 -23.26 6.63 39.72
C LEU C 170 -23.00 7.72 38.70
N VAL C 171 -21.73 8.11 38.56
CA VAL C 171 -21.31 9.18 37.67
C VAL C 171 -21.02 8.59 36.29
N LYS C 172 -21.50 9.24 35.22
CA LYS C 172 -21.10 8.89 33.86
C LYS C 172 -19.66 9.35 33.63
N PRO C 173 -18.72 8.46 33.27
CA PRO C 173 -17.35 8.96 33.03
C PRO C 173 -17.16 9.39 31.58
N GLU C 174 -15.98 9.92 31.26
CA GLU C 174 -15.68 10.41 29.93
C GLU C 174 -14.24 10.07 29.60
N ILE C 175 -13.93 9.97 28.31
CA ILE C 175 -12.56 9.80 27.85
C ILE C 175 -11.94 11.19 27.70
N ARG C 176 -10.88 11.45 28.46
CA ARG C 176 -10.17 12.72 28.37
C ARG C 176 -8.88 12.60 29.17
N MET C 177 -7.82 13.23 28.66
CA MET C 177 -6.51 13.24 29.31
C MET C 177 -6.23 14.67 29.75
N PRO C 178 -6.04 14.96 31.06
CA PRO C 178 -5.95 16.36 31.52
C PRO C 178 -4.90 17.19 30.80
N LYS C 179 -3.63 16.83 30.92
CA LYS C 179 -2.54 17.59 30.29
C LYS C 179 -1.94 16.67 29.24
N VAL C 180 -2.44 16.76 28.01
CA VAL C 180 -1.96 15.84 26.99
C VAL C 180 -0.47 16.08 26.75
N GLY C 181 0.31 15.01 26.80
CA GLY C 181 1.74 15.07 26.56
C GLY C 181 2.09 14.97 25.08
N GLY C 182 3.39 14.96 24.81
CA GLY C 182 3.84 14.83 23.44
C GLY C 182 3.43 13.50 22.85
N ARG C 183 3.02 13.51 21.58
CA ARG C 183 2.63 12.30 20.87
C ARG C 183 3.88 11.60 20.33
N VAL C 184 4.15 10.39 20.80
CA VAL C 184 5.33 9.60 20.43
C VAL C 184 4.92 8.49 19.47
N MET C 185 5.64 8.36 18.36
CA MET C 185 5.28 7.44 17.30
C MET C 185 6.23 6.26 17.24
N SER C 186 5.80 5.20 16.55
CA SER C 186 6.60 3.99 16.45
C SER C 186 7.92 4.32 15.78
N LEU C 187 9.01 3.81 16.35
CA LEU C 187 10.33 4.24 15.91
C LEU C 187 10.62 3.84 14.47
N GLN C 188 10.07 2.70 14.01
CA GLN C 188 10.27 2.23 12.64
C GLN C 188 8.98 2.23 11.82
N ASP C 189 7.94 2.88 12.31
CA ASP C 189 6.73 3.14 11.53
C ASP C 189 6.15 4.47 12.00
N PRO C 190 6.79 5.59 11.63
CA PRO C 190 6.56 6.86 12.34
C PRO C 190 5.16 7.45 12.16
N THR C 191 4.28 6.84 11.38
CA THR C 191 2.92 7.33 11.24
C THR C 191 1.93 6.70 12.21
N ARG C 192 2.33 5.57 12.79
CA ARG C 192 1.50 4.88 13.80
C ARG C 192 2.05 5.22 15.19
N LYS C 193 1.18 5.38 16.18
CA LYS C 193 1.59 5.65 17.56
C LYS C 193 2.42 4.48 18.12
N MET C 194 3.28 4.80 19.09
CA MET C 194 4.14 3.77 19.72
C MET C 194 3.30 2.89 20.64
N SER C 195 3.46 1.56 20.57
CA SER C 195 2.67 0.64 21.41
C SER C 195 3.60 -0.34 22.11
N LYS C 196 3.31 -0.65 23.37
CA LYS C 196 4.15 -1.60 24.14
C LYS C 196 3.92 -3.02 23.64
N SER C 197 2.85 -3.23 22.88
CA SER C 197 2.49 -4.60 22.46
C SER C 197 2.97 -4.86 21.03
N ASP C 198 3.82 -3.99 20.49
CA ASP C 198 4.18 -4.18 19.09
C ASP C 198 4.96 -5.47 18.90
N ASP C 199 4.64 -6.19 17.81
CA ASP C 199 5.44 -7.36 17.44
C ASP C 199 6.86 -6.98 17.01
N ASN C 200 7.08 -5.73 16.55
CA ASN C 200 8.41 -5.24 16.22
C ASN C 200 8.94 -4.51 17.44
N ALA C 201 9.80 -5.18 18.20
CA ALA C 201 10.32 -4.57 19.43
C ALA C 201 11.21 -3.34 19.15
N LYS C 202 11.72 -3.17 17.94
CA LYS C 202 12.45 -1.93 17.64
C LYS C 202 11.51 -0.74 17.51
N ASN C 203 10.20 -0.96 17.42
CA ASN C 203 9.26 0.17 17.35
C ASN C 203 9.15 0.95 18.66
N PHE C 204 9.49 0.33 19.78
CA PHE C 204 9.29 0.99 21.06
C PHE C 204 10.55 0.88 21.89
N ILE C 205 10.67 1.83 22.81
CA ILE C 205 11.66 1.81 23.87
C ILE C 205 10.87 1.62 25.15
N SER C 206 11.14 0.51 25.84
CA SER C 206 10.43 0.18 27.05
C SER C 206 11.19 0.77 28.24
N LEU C 207 10.43 1.26 29.22
CA LEU C 207 11.07 1.74 30.44
C LEU C 207 11.94 0.70 31.12
N LEU C 208 11.86 -0.57 30.73
CA LEU C 208 12.73 -1.60 31.27
C LEU C 208 13.65 -2.19 30.22
N ASP C 209 13.68 -1.61 29.03
CA ASP C 209 14.73 -1.93 28.08
C ASP C 209 16.09 -1.63 28.70
N GLU C 210 17.03 -2.54 28.48
CA GLU C 210 18.42 -2.29 28.81
C GLU C 210 18.88 -0.96 28.19
N PRO C 211 19.58 -0.12 28.93
CA PRO C 211 19.90 1.21 28.40
C PRO C 211 20.69 1.18 27.09
N ASN C 212 21.65 0.26 26.93
CA ASN C 212 22.34 0.17 25.64
C ASN C 212 21.40 -0.27 24.52
N VAL C 213 20.44 -1.16 24.83
CA VAL C 213 19.48 -1.62 23.82
C VAL C 213 18.62 -0.46 23.33
N ALA C 214 18.15 0.39 24.23
CA ALA C 214 17.33 1.52 23.81
C ALA C 214 18.15 2.51 22.99
N ALA C 215 19.42 2.69 23.34
CA ALA C 215 20.28 3.55 22.54
C ALA C 215 20.39 3.02 21.12
N LYS C 216 20.59 1.70 20.97
CA LYS C 216 20.62 1.10 19.64
C LYS C 216 19.30 1.28 18.94
N LYS C 217 18.19 1.35 19.69
CA LYS C 217 16.88 1.54 19.08
C LYS C 217 16.67 2.96 18.59
N ILE C 218 17.32 3.94 19.22
CA ILE C 218 17.26 5.29 18.68
C ILE C 218 18.03 5.38 17.37
N LYS C 219 19.09 4.59 17.23
CA LYS C 219 19.87 4.64 16.00
C LYS C 219 19.31 3.76 14.88
N SER C 220 18.41 2.83 15.20
CA SER C 220 17.75 2.02 14.15
C SER C 220 16.40 2.64 13.75
N ALA C 221 16.05 3.79 14.29
CA ALA C 221 14.80 4.43 13.89
C ALA C 221 14.85 4.85 12.43
N VAL C 222 13.76 4.57 11.71
CA VAL C 222 13.70 4.83 10.28
C VAL C 222 13.61 6.33 10.02
N THR C 223 14.61 6.87 9.31
CA THR C 223 14.66 8.27 8.88
C THR C 223 15.35 8.29 7.51
N ASP C 224 15.38 9.47 6.89
CA ASP C 224 16.24 9.67 5.72
C ASP C 224 17.71 9.51 6.12
N SER C 225 18.55 9.22 5.13
CA SER C 225 19.99 8.98 5.42
C SER C 225 20.60 10.19 6.14
N ASP C 226 20.13 11.40 5.85
CA ASP C 226 20.63 12.59 6.58
C ASP C 226 19.72 13.78 6.30
N GLY C 227 19.94 14.87 7.03
CA GLY C 227 19.16 16.09 6.78
C GLY C 227 19.16 17.08 7.91
N ILE C 228 18.27 18.08 7.84
CA ILE C 228 18.21 19.11 8.87
C ILE C 228 17.45 18.60 10.08
N ILE C 229 17.85 19.08 11.26
CA ILE C 229 17.10 18.80 12.51
C ILE C 229 16.05 19.89 12.61
N LYS C 230 14.96 19.73 11.87
CA LYS C 230 13.83 20.64 12.03
C LYS C 230 12.54 19.83 12.13
N PHE C 231 11.60 20.40 12.86
CA PHE C 231 10.34 19.73 13.15
C PHE C 231 9.42 19.88 11.95
N ASP C 232 9.14 18.77 11.27
CA ASP C 232 8.29 18.79 10.09
C ASP C 232 7.57 17.43 10.02
N ARG C 233 6.37 17.37 10.62
CA ARG C 233 5.69 16.09 10.79
C ARG C 233 5.30 15.48 9.45
N ASP C 234 4.87 16.32 8.51
CA ASP C 234 4.30 15.81 7.27
C ASP C 234 5.36 15.26 6.30
N ASN C 235 6.50 15.93 6.16
CA ASN C 235 7.49 15.52 5.17
C ASN C 235 8.64 14.71 5.73
N LYS C 236 8.97 14.84 7.02
CA LYS C 236 10.03 14.04 7.66
C LYS C 236 9.53 13.49 8.99
N PRO C 237 8.56 12.56 8.94
CA PRO C 237 7.99 12.04 10.19
C PRO C 237 9.02 11.40 11.11
N GLY C 238 10.04 10.75 10.57
CA GLY C 238 11.06 10.10 11.37
C GLY C 238 11.88 11.02 12.27
N ILE C 239 12.60 11.97 11.67
CA ILE C 239 13.42 12.87 12.49
C ILE C 239 12.52 13.71 13.40
N THR C 240 11.33 14.06 12.92
CA THR C 240 10.38 14.79 13.74
C THR C 240 9.99 14.02 14.99
N ASN C 241 9.67 12.72 14.83
CA ASN C 241 9.39 11.87 15.99
C ASN C 241 10.56 11.89 16.96
N LEU C 242 11.79 11.70 16.45
CA LEU C 242 12.97 11.73 17.30
C LEU C 242 13.14 13.09 18.01
N ILE C 243 12.71 14.19 17.40
CA ILE C 243 12.77 15.48 18.10
C ILE C 243 11.72 15.53 19.22
N SER C 244 10.53 14.97 18.96
CA SER C 244 9.52 14.86 20.01
C SER C 244 10.05 14.11 21.22
N ILE C 245 10.76 13.01 21.00
CA ILE C 245 11.27 12.23 22.14
C ILE C 245 12.35 13.00 22.87
N TYR C 246 13.24 13.66 22.12
CA TYR C 246 14.21 14.58 22.71
C TYR C 246 13.52 15.60 23.60
N ALA C 247 12.47 16.24 23.08
CA ALA C 247 11.71 17.21 23.86
C ALA C 247 11.13 16.56 25.12
N GLY C 248 10.51 15.39 24.98
CA GLY C 248 9.85 14.76 26.11
C GLY C 248 10.79 14.40 27.23
N LEU C 249 12.00 13.94 26.91
CA LEU C 249 12.96 13.51 27.92
C LEU C 249 13.85 14.61 28.48
N THR C 250 13.92 15.80 27.85
CA THR C 250 14.72 16.91 28.37
C THR C 250 13.90 18.13 28.77
N ASP C 251 12.66 18.22 28.31
CA ASP C 251 11.78 19.38 28.48
C ASP C 251 12.33 20.61 27.79
N MET C 252 13.34 20.44 26.94
CA MET C 252 13.77 21.52 26.08
C MET C 252 12.68 21.80 25.07
N PRO C 253 12.31 23.07 24.83
CA PRO C 253 11.36 23.39 23.76
C PRO C 253 11.92 22.99 22.41
N ILE C 254 11.02 22.74 21.46
CA ILE C 254 11.43 22.26 20.15
C ILE C 254 12.34 23.27 19.48
N LYS C 255 11.95 24.55 19.51
CA LYS C 255 12.70 25.58 18.82
C LYS C 255 14.11 25.70 19.38
N ASP C 256 14.27 25.47 20.68
CA ASP C 256 15.62 25.43 21.26
C ASP C 256 16.41 24.20 20.78
N ILE C 257 15.72 23.07 20.52
CA ILE C 257 16.40 21.93 19.91
C ILE C 257 16.86 22.25 18.49
N GLU C 258 16.00 22.88 17.69
CA GLU C 258 16.42 23.26 16.35
C GLU C 258 17.60 24.20 16.40
N ALA C 259 17.56 25.17 17.32
CA ALA C 259 18.69 26.10 17.48
C ALA C 259 19.96 25.35 17.88
N LYS C 260 19.86 24.45 18.85
CA LYS C 260 21.05 23.74 19.33
C LYS C 260 21.69 22.88 18.23
N TYR C 261 20.95 22.51 17.19
CA TYR C 261 21.47 21.61 16.18
C TYR C 261 21.53 22.29 14.81
N GLU C 262 21.63 23.60 14.81
CA GLU C 262 21.81 24.34 13.54
C GLU C 262 23.16 23.97 12.95
N GLY C 263 23.19 23.65 11.66
CA GLY C 263 24.45 23.24 11.01
C GLY C 263 24.87 21.88 11.47
N GLU C 264 23.91 21.09 11.95
CA GLU C 264 24.22 19.72 12.42
C GLU C 264 23.33 18.70 11.68
N GLY C 265 23.85 17.50 11.47
CA GLY C 265 23.16 16.44 10.78
C GLY C 265 22.57 15.37 11.72
N TYR C 266 21.99 14.36 11.06
CA TYR C 266 21.28 13.31 11.78
C TYR C 266 22.23 12.52 12.66
N GLY C 267 23.45 12.27 12.17
CA GLY C 267 24.36 11.43 12.92
C GLY C 267 24.72 12.02 14.27
N LYS C 268 24.96 13.33 14.29
CA LYS C 268 25.26 14.01 15.56
C LYS C 268 24.02 14.04 16.46
N PHE C 269 22.85 14.34 15.89
CA PHE C 269 21.62 14.43 16.67
C PHE C 269 21.25 13.07 17.28
N LYS C 270 21.15 12.02 16.46
CA LYS C 270 20.81 10.69 16.99
C LYS C 270 21.85 10.22 17.99
N GLY C 271 23.11 10.65 17.82
CA GLY C 271 24.14 10.28 18.78
C GLY C 271 23.88 10.85 20.15
N ASP C 272 23.54 12.15 20.20
CA ASP C 272 23.20 12.79 21.47
C ASP C 272 21.94 12.18 22.08
N LEU C 273 20.89 12.04 21.28
CA LEU C 273 19.60 11.54 21.75
C LEU C 273 19.72 10.12 22.31
N ALA C 274 20.52 9.26 21.67
CA ALA C 274 20.75 7.93 22.21
C ALA C 274 21.39 8.00 23.59
N GLU C 275 22.27 8.98 23.80
CA GLU C 275 22.91 9.12 25.10
C GLU C 275 21.93 9.70 26.12
N ILE C 276 21.10 10.64 25.69
CA ILE C 276 20.01 11.12 26.54
C ILE C 276 19.11 9.96 26.94
N VAL C 277 18.69 9.17 25.97
CA VAL C 277 17.79 8.06 26.27
C VAL C 277 18.46 7.08 27.23
N LYS C 278 19.74 6.78 26.99
CA LYS C 278 20.45 5.83 27.83
C LYS C 278 20.61 6.37 29.26
N ALA C 279 20.87 7.68 29.39
CA ALA C 279 21.03 8.27 30.72
C ALA C 279 19.71 8.29 31.46
N PHE C 280 18.62 8.62 30.74
CA PHE C 280 17.30 8.59 31.35
C PHE C 280 16.95 7.20 31.88
N LEU C 281 17.15 6.17 31.06
CA LEU C 281 16.81 4.82 31.49
C LEU C 281 17.71 4.32 32.60
N VAL C 282 18.96 4.82 32.69
CA VAL C 282 19.79 4.46 33.82
C VAL C 282 19.21 5.06 35.10
N GLU C 283 18.70 6.29 35.01
CA GLU C 283 18.15 6.94 36.18
C GLU C 283 16.79 6.38 36.55
N PHE C 284 15.91 6.22 35.56
CA PHE C 284 14.59 5.66 35.83
C PHE C 284 14.70 4.30 36.48
N GLN C 285 15.58 3.44 35.96
CA GLN C 285 15.69 2.10 36.50
C GLN C 285 16.39 2.06 37.85
N GLU C 286 17.18 3.08 38.21
CA GLU C 286 17.68 3.10 39.58
C GLU C 286 16.53 3.37 40.57
N LYS C 287 15.66 4.32 40.24
CA LYS C 287 14.47 4.57 41.05
C LYS C 287 13.61 3.32 41.13
N TYR C 288 13.38 2.67 39.99
CA TYR C 288 12.51 1.49 39.96
C TYR C 288 13.05 0.38 40.86
N GLU C 289 14.34 0.10 40.77
CA GLU C 289 14.94 -0.94 41.62
C GLU C 289 14.78 -0.57 43.11
N SER C 290 14.92 0.71 43.46
CA SER C 290 14.86 1.05 44.87
C SER C 290 13.44 0.88 45.43
N PHE C 291 12.40 1.07 44.60
CA PHE C 291 11.06 0.70 45.05
C PHE C 291 10.86 -0.82 44.98
N TYR C 292 11.21 -1.43 43.85
CA TYR C 292 10.82 -2.81 43.56
C TYR C 292 11.43 -3.78 44.55
N ASN C 293 12.66 -3.53 44.99
CA ASN C 293 13.38 -4.49 45.81
C ASN C 293 13.39 -4.11 47.29
N SER C 294 12.53 -3.19 47.70
CA SER C 294 12.44 -2.71 49.08
C SER C 294 11.05 -2.97 49.66
N ASP C 295 11.01 -3.20 50.98
CA ASP C 295 9.75 -3.40 51.70
C ASP C 295 8.82 -2.20 51.65
N LYS C 296 9.30 -1.01 51.28
CA LYS C 296 8.42 0.16 51.22
C LYS C 296 7.35 0.01 50.15
N LEU C 297 7.60 -0.82 49.15
CA LEU C 297 6.59 -1.04 48.12
C LEU C 297 5.34 -1.65 48.73
N ASP C 298 5.52 -2.58 49.65
CA ASP C 298 4.37 -3.23 50.25
C ASP C 298 3.58 -2.24 51.09
N ASP C 299 4.27 -1.32 51.75
CA ASP C 299 3.62 -0.31 52.58
C ASP C 299 2.88 0.71 51.73
N ILE C 300 3.48 1.17 50.64
CA ILE C 300 2.78 2.12 49.76
C ILE C 300 1.50 1.49 49.24
N LEU C 301 1.57 0.23 48.81
CA LEU C 301 0.37 -0.40 48.26
C LEU C 301 -0.66 -0.67 49.34
N ASP C 302 -0.23 -1.03 50.55
CA ASP C 302 -1.19 -1.14 51.65
C ASP C 302 -1.95 0.16 51.79
N GLN C 303 -1.21 1.29 51.77
CA GLN C 303 -1.84 2.60 51.90
C GLN C 303 -2.83 2.86 50.78
N GLY C 304 -2.44 2.59 49.54
CA GLY C 304 -3.35 2.77 48.43
C GLY C 304 -4.60 1.93 48.58
N ARG C 305 -4.42 0.70 49.09
CA ARG C 305 -5.58 -0.19 49.27
C ARG C 305 -6.58 0.46 50.23
N ASP C 306 -6.11 1.00 51.35
CA ASP C 306 -7.03 1.56 52.34
C ASP C 306 -7.76 2.79 51.83
N LYS C 307 -7.07 3.68 51.11
CA LYS C 307 -7.75 4.82 50.51
C LYS C 307 -8.84 4.37 49.55
N ALA C 308 -8.50 3.43 48.66
CA ALA C 308 -9.46 2.95 47.65
C ALA C 308 -10.64 2.24 48.29
N HIS C 309 -10.38 1.43 49.34
CA HIS C 309 -11.47 0.73 50.01
C HIS C 309 -12.42 1.70 50.69
N LYS C 310 -11.87 2.74 51.32
CA LYS C 310 -12.71 3.75 51.96
C LYS C 310 -13.71 4.35 50.98
N VAL C 311 -13.28 4.68 49.77
CA VAL C 311 -14.17 5.35 48.82
C VAL C 311 -15.10 4.35 48.15
N SER C 312 -14.54 3.24 47.64
CA SER C 312 -15.35 2.27 46.90
C SER C 312 -16.38 1.59 47.80
N PHE C 313 -16.08 1.43 49.09
CA PHE C 313 -17.04 0.83 50.00
C PHE C 313 -18.31 1.66 50.11
N LYS C 314 -18.18 2.99 50.17
CA LYS C 314 -19.37 3.85 50.27
C LYS C 314 -20.23 3.76 49.01
N THR C 315 -19.59 3.78 47.84
CA THR C 315 -20.33 3.65 46.58
C THR C 315 -21.05 2.31 46.49
N VAL C 316 -20.43 1.23 46.99
CA VAL C 316 -21.08 -0.08 46.91
C VAL C 316 -22.33 -0.08 47.79
N LYS C 317 -22.23 0.43 49.02
CA LYS C 317 -23.37 0.43 49.93
C LYS C 317 -24.55 1.23 49.39
N LYS C 318 -24.29 2.30 48.64
CA LYS C 318 -25.37 3.00 47.97
C LYS C 318 -25.97 2.14 46.86
N MET C 319 -25.12 1.42 46.14
CA MET C 319 -25.60 0.53 45.09
C MET C 319 -26.45 -0.60 45.66
N GLU C 320 -26.06 -1.13 46.82
CA GLU C 320 -26.79 -2.23 47.43
C GLU C 320 -28.13 -1.76 47.98
N LYS C 321 -28.15 -0.56 48.55
CA LYS C 321 -29.42 0.06 48.92
C LYS C 321 -30.29 0.27 47.69
N ALA C 322 -29.69 0.73 46.58
CA ALA C 322 -30.45 1.02 45.37
C ALA C 322 -31.13 -0.23 44.82
N MET C 323 -30.47 -1.39 44.93
CA MET C 323 -31.03 -2.61 44.38
C MET C 323 -31.77 -3.45 45.40
N GLY C 324 -31.62 -3.15 46.69
CA GLY C 324 -32.25 -3.92 47.74
C GLY C 324 -31.43 -5.02 48.36
N LEU C 325 -30.19 -5.25 47.90
CA LEU C 325 -29.30 -6.21 48.53
C LEU C 325 -29.09 -5.85 50.01
N GLY C 326 -28.57 -6.81 50.77
CA GLY C 326 -28.21 -6.52 52.15
C GLY C 326 -29.41 -6.17 53.04
N ARG C 327 -29.11 -5.61 54.20
CA ARG C 327 -30.13 -5.09 55.11
C ARG C 327 -30.00 -3.58 55.26
N LYS C 328 -31.00 -3.01 55.93
CA LYS C 328 -31.04 -1.57 56.14
C LYS C 328 -29.99 -1.12 57.16
N ARG C 329 -30.12 -1.59 58.41
CA ARG C 329 -29.21 -1.10 59.45
C ARG C 329 -29.12 -2.13 60.58
N HIS C 330 -27.89 -2.47 60.95
CA HIS C 330 -27.59 -3.53 61.94
C HIS C 330 -27.59 -3.00 63.38
#